data_6H0H
#
_entry.id   6H0H
#
_cell.length_a   56.350
_cell.length_b   71.690
_cell.length_c   88.710
_cell.angle_alpha   90.00
_cell.angle_beta   95.04
_cell.angle_gamma   90.00
#
_symmetry.space_group_name_H-M   'P 1 21 1'
#
loop_
_entity.id
_entity.type
_entity.pdbx_description
1 polymer 'Probable solute binding protein of ABC transporter system for sugars'
2 branched beta-D-galactopyranose-(1-6)-beta-D-galactopyranose
3 non-polymer alpha-D-galactopyranose
4 non-polymer beta-D-galactopyranose
5 non-polymer 'TETRAETHYLENE GLYCOL'
6 non-polymer DI(HYDROXYETHYL)ETHER
7 water water
#
_entity_poly.entity_id   1
_entity_poly.type   'polypeptide(L)'
_entity_poly.pdbx_seq_one_letter_code
;ACGGGSSNSGQPSQESNVKEIDVWAWDPSLKQIAADYEKKTGIKVNLKNVGTNTKEYTQLDNAIEAGSGAPDVAQIEYYA
LPQYAIKGNLLDITDKTSGYEDFYNPGPWSSVQIDGKVYALPIDAGPMAFFYNKEIFDKAGVDGEKIKTWDDYYEAAKKI
HALGDEYYITSDSGDAGFFDSMTWLAGGKPFQTTNNGKDVTINLTGDNGVKEFEKFWQKLLDEKLLDTKTVGWSEDWFKG
MQDGTIASLLTGAWMPGNLVNSAPAAAGKWRVALMPTPNGEKANAENGGSSLAVLKSSPKAQAAYDFIEYVAHGDGVKTH
VETGAFPADKASLEADYFKNATTIKNSDGKEIDYFGGQKYNEVLAQASADVLTGYQFLPFEVKARGVFGDYLGKSYTGNQ
PLSEGVAAWQKALIDYGKEQGFTMKE
;
_entity_poly.pdbx_strand_id   A,B
#
# COMPACT_ATOMS: atom_id res chain seq x y z
N ASN A 17 -23.14 -14.23 23.51
CA ASN A 17 -23.40 -12.82 23.24
C ASN A 17 -22.70 -12.33 21.96
N VAL A 18 -21.79 -13.15 21.41
CA VAL A 18 -21.02 -12.73 20.24
C VAL A 18 -21.92 -12.68 19.01
N LYS A 19 -22.00 -11.51 18.39
CA LYS A 19 -22.82 -11.30 17.20
C LYS A 19 -22.00 -10.88 15.99
N GLU A 20 -20.67 -10.77 16.12
CA GLU A 20 -19.83 -10.29 15.03
C GLU A 20 -18.43 -10.82 15.25
N ILE A 21 -17.75 -11.11 14.14
CA ILE A 21 -16.34 -11.43 14.16
C ILE A 21 -15.63 -10.66 13.06
N ASP A 22 -14.31 -10.51 13.22
N ASP A 22 -14.32 -10.52 13.21
CA ASP A 22 -13.45 -9.83 12.25
CA ASP A 22 -13.48 -9.85 12.22
C ASP A 22 -12.55 -10.84 11.56
C ASP A 22 -12.55 -10.84 11.55
N VAL A 23 -12.51 -10.79 10.22
CA VAL A 23 -11.73 -11.73 9.42
C VAL A 23 -10.89 -10.95 8.42
N TRP A 24 -9.60 -11.27 8.34
CA TRP A 24 -8.74 -10.76 7.28
C TRP A 24 -8.44 -11.89 6.31
N ALA A 25 -8.68 -11.66 5.02
CA ALA A 25 -8.45 -12.68 4.01
C ALA A 25 -8.56 -12.03 2.65
N TRP A 26 -7.80 -12.58 1.69
CA TRP A 26 -7.83 -12.12 0.31
C TRP A 26 -8.40 -13.12 -0.69
N ASP A 27 -8.60 -14.37 -0.30
CA ASP A 27 -9.20 -15.37 -1.17
C ASP A 27 -10.52 -14.82 -1.72
N PRO A 28 -10.71 -14.79 -3.04
CA PRO A 28 -11.86 -14.07 -3.62
C PRO A 28 -13.20 -14.73 -3.36
N SER A 29 -13.22 -15.99 -2.96
CA SER A 29 -14.47 -16.68 -2.63
C SER A 29 -14.98 -16.33 -1.25
N LEU A 30 -14.14 -15.75 -0.38
CA LEU A 30 -14.55 -15.64 1.01
C LEU A 30 -15.68 -14.66 1.22
N LYS A 31 -15.78 -13.63 0.37
CA LYS A 31 -16.91 -12.71 0.50
C LYS A 31 -18.24 -13.44 0.36
N GLN A 32 -18.38 -14.30 -0.65
CA GLN A 32 -19.62 -15.05 -0.82
C GLN A 32 -19.84 -16.01 0.36
N ILE A 33 -18.79 -16.71 0.75
CA ILE A 33 -18.95 -17.73 1.77
C ILE A 33 -19.30 -17.07 3.09
N ALA A 34 -18.71 -15.91 3.37
CA ALA A 34 -19.04 -15.19 4.60
C ALA A 34 -20.47 -14.67 4.56
N ALA A 35 -20.93 -14.21 3.39
CA ALA A 35 -22.32 -13.78 3.27
C ALA A 35 -23.27 -14.95 3.51
N ASP A 36 -22.91 -16.12 2.99
CA ASP A 36 -23.73 -17.32 3.23
C ASP A 36 -23.75 -17.68 4.71
N TYR A 37 -22.60 -17.55 5.39
CA TYR A 37 -22.54 -17.83 6.81
C TYR A 37 -23.44 -16.88 7.60
N GLU A 38 -23.41 -15.59 7.26
CA GLU A 38 -24.28 -14.62 7.91
C GLU A 38 -25.75 -15.02 7.76
N LYS A 39 -26.15 -15.47 6.57
CA LYS A 39 -27.55 -15.82 6.35
C LYS A 39 -27.94 -17.03 7.19
N LYS A 40 -27.01 -17.96 7.36
CA LYS A 40 -27.30 -19.20 8.08
C LYS A 40 -27.34 -18.97 9.59
N THR A 41 -26.50 -18.08 10.12
CA THR A 41 -26.29 -17.97 11.56
C THR A 41 -26.73 -16.66 12.19
N GLY A 42 -26.87 -15.59 11.42
CA GLY A 42 -27.09 -14.29 12.00
C GLY A 42 -25.87 -13.60 12.56
N ILE A 43 -24.71 -14.21 12.43
CA ILE A 43 -23.46 -13.61 12.91
C ILE A 43 -22.87 -12.77 11.79
N LYS A 44 -22.55 -11.52 12.11
CA LYS A 44 -21.93 -10.64 11.13
C LYS A 44 -20.45 -11.00 10.99
N VAL A 45 -20.01 -11.17 9.75
CA VAL A 45 -18.61 -11.44 9.47
C VAL A 45 -18.04 -10.20 8.81
N ASN A 46 -17.23 -9.45 9.56
N ASN A 46 -17.25 -9.44 9.56
CA ASN A 46 -16.58 -8.25 9.07
CA ASN A 46 -16.62 -8.23 9.04
C ASN A 46 -15.31 -8.69 8.36
C ASN A 46 -15.32 -8.66 8.36
N LEU A 47 -15.41 -8.86 7.05
CA LEU A 47 -14.34 -9.40 6.24
C LEU A 47 -13.61 -8.27 5.52
N LYS A 48 -12.29 -8.27 5.63
CA LYS A 48 -11.46 -7.28 4.95
C LYS A 48 -10.30 -7.98 4.24
N ASN A 49 -10.08 -7.59 2.99
CA ASN A 49 -8.83 -7.89 2.30
C ASN A 49 -7.88 -6.75 2.62
N VAL A 50 -6.93 -6.99 3.51
CA VAL A 50 -5.97 -5.96 3.91
C VAL A 50 -4.66 -6.11 3.14
N GLY A 51 -4.66 -6.89 2.07
CA GLY A 51 -3.46 -7.17 1.32
C GLY A 51 -3.31 -8.65 1.03
N THR A 52 -2.59 -8.96 -0.04
CA THR A 52 -2.26 -10.34 -0.39
C THR A 52 -0.95 -10.72 0.28
N ASN A 53 -0.83 -12.01 0.60
CA ASN A 53 0.35 -12.63 1.23
C ASN A 53 1.13 -11.71 2.16
N THR A 54 2.34 -11.30 1.77
N THR A 54 2.31 -11.29 1.72
CA THR A 54 3.19 -10.59 2.71
CA THR A 54 3.24 -10.56 2.58
C THR A 54 2.60 -9.25 3.14
C THR A 54 2.64 -9.25 3.09
N LYS A 55 1.76 -8.62 2.30
CA LYS A 55 1.10 -7.40 2.76
C LYS A 55 0.15 -7.69 3.92
N GLU A 56 -0.59 -8.80 3.88
CA GLU A 56 -1.39 -9.15 5.04
C GLU A 56 -0.52 -9.47 6.24
N TYR A 57 0.57 -10.20 6.02
CA TYR A 57 1.40 -10.61 7.15
C TYR A 57 2.06 -9.44 7.84
N THR A 58 2.42 -8.39 7.10
CA THR A 58 2.94 -7.20 7.73
C THR A 58 1.91 -6.62 8.69
N GLN A 59 0.66 -6.55 8.26
CA GLN A 59 -0.40 -5.98 9.10
C GLN A 59 -0.66 -6.86 10.30
N LEU A 60 -0.67 -8.19 10.12
N LEU A 60 -0.63 -8.18 10.11
CA LEU A 60 -0.82 -9.10 11.25
CA LEU A 60 -0.83 -9.09 11.24
C LEU A 60 0.31 -8.89 12.23
C LEU A 60 0.31 -8.97 12.24
N ASP A 61 1.56 -8.90 11.73
CA ASP A 61 2.70 -8.72 12.61
C ASP A 61 2.58 -7.43 13.40
N ASN A 62 2.15 -6.35 12.74
CA ASN A 62 2.00 -5.08 13.44
C ASN A 62 0.94 -5.17 14.53
N ALA A 63 -0.20 -5.81 14.25
CA ALA A 63 -1.24 -5.92 15.27
C ALA A 63 -0.82 -6.83 16.41
N ILE A 64 -0.11 -7.91 16.10
CA ILE A 64 0.42 -8.80 17.13
C ILE A 64 1.37 -8.03 18.04
N GLU A 65 2.30 -7.29 17.43
N GLU A 65 2.28 -7.25 17.44
CA GLU A 65 3.25 -6.49 18.20
CA GLU A 65 3.25 -6.53 18.25
C GLU A 65 2.51 -5.50 19.10
C GLU A 65 2.63 -5.36 19.02
N ALA A 66 1.52 -4.82 18.54
CA ALA A 66 0.80 -3.78 19.26
C ALA A 66 -0.09 -4.34 20.37
N GLY A 67 -0.44 -5.63 20.30
CA GLY A 67 -1.34 -6.20 21.27
C GLY A 67 -2.77 -5.79 21.08
N SER A 68 -3.11 -5.24 19.92
CA SER A 68 -4.44 -4.70 19.67
C SER A 68 -4.66 -4.64 18.16
N GLY A 69 -5.93 -4.77 17.76
CA GLY A 69 -6.32 -4.58 16.39
C GLY A 69 -6.19 -5.79 15.49
N ALA A 70 -5.84 -6.95 16.04
CA ALA A 70 -5.80 -8.13 15.22
C ALA A 70 -7.22 -8.61 14.91
N PRO A 71 -7.41 -9.28 13.78
CA PRO A 71 -8.71 -9.91 13.51
C PRO A 71 -8.87 -11.13 14.40
N ASP A 72 -10.10 -11.64 14.44
CA ASP A 72 -10.32 -12.92 15.12
C ASP A 72 -9.82 -14.08 14.29
N VAL A 73 -9.90 -13.96 12.97
CA VAL A 73 -9.54 -15.01 12.03
C VAL A 73 -8.68 -14.38 10.94
N ALA A 74 -7.64 -15.08 10.50
CA ALA A 74 -6.85 -14.64 9.36
C ALA A 74 -6.58 -15.77 8.41
N GLN A 75 -6.50 -15.42 7.13
CA GLN A 75 -5.98 -16.31 6.11
C GLN A 75 -4.47 -16.41 6.27
N ILE A 76 -3.97 -17.61 6.48
N ILE A 76 -3.99 -17.61 6.52
CA ILE A 76 -2.54 -17.82 6.62
CA ILE A 76 -2.57 -17.92 6.68
C ILE A 76 -2.14 -18.99 5.74
C ILE A 76 -2.24 -18.99 5.64
N GLU A 77 -1.29 -18.70 4.76
CA GLU A 77 -0.85 -19.71 3.82
C GLU A 77 -0.06 -20.80 4.53
N TYR A 78 -0.08 -22.00 3.96
CA TYR A 78 0.65 -23.11 4.58
C TYR A 78 2.10 -22.75 4.85
N TYR A 79 2.75 -22.04 3.93
CA TYR A 79 4.17 -21.74 4.14
C TYR A 79 4.39 -20.82 5.32
N ALA A 80 3.40 -19.98 5.67
CA ALA A 80 3.54 -19.00 6.74
C ALA A 80 3.09 -19.53 8.08
N LEU A 81 2.32 -20.61 8.10
N LEU A 81 2.33 -20.62 8.10
CA LEU A 81 1.82 -21.14 9.37
CA LEU A 81 1.81 -21.13 9.36
C LEU A 81 2.92 -21.46 10.37
C LEU A 81 2.90 -21.49 10.37
N PRO A 82 4.03 -22.10 9.99
CA PRO A 82 5.02 -22.43 11.02
C PRO A 82 5.49 -21.19 11.80
N GLN A 83 5.82 -20.10 11.10
CA GLN A 83 6.34 -18.95 11.83
C GLN A 83 5.32 -18.41 12.82
N TYR A 84 4.05 -18.30 12.41
CA TYR A 84 3.03 -17.79 13.32
C TYR A 84 2.75 -18.77 14.45
N ALA A 85 2.72 -20.07 14.14
CA ALA A 85 2.40 -21.06 15.15
C ALA A 85 3.49 -21.18 16.20
N ILE A 86 4.75 -21.20 15.75
CA ILE A 86 5.88 -21.34 16.66
C ILE A 86 5.97 -20.18 17.62
N LYS A 87 5.60 -18.98 17.18
N LYS A 87 5.61 -18.98 17.18
CA LYS A 87 5.65 -17.79 18.01
CA LYS A 87 5.65 -17.79 18.02
C LYS A 87 4.45 -17.68 18.95
C LYS A 87 4.45 -17.68 18.95
N GLY A 88 3.51 -18.62 18.89
CA GLY A 88 2.38 -18.62 19.80
C GLY A 88 1.26 -17.69 19.40
N ASN A 89 1.20 -17.28 18.14
CA ASN A 89 0.22 -16.30 17.71
C ASN A 89 -1.09 -16.91 17.25
N LEU A 90 -1.17 -18.24 17.10
CA LEU A 90 -2.36 -18.92 16.61
C LEU A 90 -2.93 -19.82 17.70
N LEU A 91 -4.26 -19.88 17.78
CA LEU A 91 -4.91 -20.72 18.76
C LEU A 91 -4.79 -22.20 18.38
N ASP A 92 -4.39 -23.02 19.34
CA ASP A 92 -4.36 -24.48 19.20
C ASP A 92 -5.80 -24.99 19.15
N ILE A 93 -6.20 -25.54 18.01
CA ILE A 93 -7.55 -26.05 17.80
C ILE A 93 -7.57 -27.58 17.68
N THR A 94 -6.50 -28.25 18.14
CA THR A 94 -6.39 -29.70 18.02
C THR A 94 -7.65 -30.41 18.52
N ASP A 95 -8.19 -30.00 19.67
CA ASP A 95 -9.32 -30.73 20.28
C ASP A 95 -10.60 -30.66 19.45
N LYS A 96 -10.67 -29.83 18.42
CA LYS A 96 -11.83 -29.74 17.53
C LYS A 96 -11.71 -30.64 16.31
N THR A 97 -10.60 -31.35 16.11
CA THR A 97 -10.25 -31.85 14.78
C THR A 97 -10.06 -33.36 14.74
N SER A 98 -10.65 -34.11 15.68
CA SER A 98 -10.50 -35.56 15.79
C SER A 98 -10.47 -36.34 14.48
N GLY A 99 -11.48 -36.18 13.64
CA GLY A 99 -11.57 -36.92 12.41
C GLY A 99 -11.05 -36.18 11.19
N TYR A 100 -10.34 -35.07 11.38
CA TYR A 100 -10.03 -34.23 10.24
C TYR A 100 -8.94 -34.82 9.34
N GLU A 101 -8.03 -35.64 9.88
N GLU A 101 -8.05 -35.65 9.88
CA GLU A 101 -7.10 -36.32 9.00
CA GLU A 101 -7.10 -36.31 9.01
C GLU A 101 -7.84 -37.10 7.92
C GLU A 101 -7.81 -37.16 7.96
N ASP A 102 -8.98 -37.69 8.27
CA ASP A 102 -9.77 -38.47 7.32
C ASP A 102 -10.48 -37.58 6.31
N PHE A 103 -10.75 -36.33 6.66
CA PHE A 103 -11.47 -35.42 5.77
C PHE A 103 -10.55 -34.76 4.77
N TYR A 104 -9.38 -34.29 5.21
CA TYR A 104 -8.53 -33.47 4.38
C TYR A 104 -7.51 -34.31 3.59
N ASN A 105 -7.06 -33.74 2.48
CA ASN A 105 -5.97 -34.35 1.77
C ASN A 105 -4.68 -34.25 2.59
N PRO A 106 -3.72 -35.15 2.33
CA PRO A 106 -2.61 -35.29 3.28
C PRO A 106 -1.67 -34.10 3.31
N GLY A 107 -1.44 -33.43 2.20
CA GLY A 107 -0.54 -32.30 2.19
C GLY A 107 -1.09 -31.16 3.03
N PRO A 108 -2.32 -30.74 2.74
CA PRO A 108 -2.91 -29.67 3.55
C PRO A 108 -3.00 -30.01 5.02
N TRP A 109 -3.36 -31.25 5.36
CA TRP A 109 -3.52 -31.59 6.76
C TRP A 109 -2.18 -31.59 7.47
N SER A 110 -1.13 -32.13 6.81
N SER A 110 -1.15 -32.15 6.83
CA SER A 110 0.20 -32.13 7.41
CA SER A 110 0.19 -32.11 7.41
C SER A 110 0.73 -30.70 7.59
C SER A 110 0.63 -30.67 7.67
N SER A 111 0.26 -29.76 6.76
CA SER A 111 0.76 -28.39 6.79
C SER A 111 0.16 -27.54 7.90
N VAL A 112 -0.97 -27.94 8.48
CA VAL A 112 -1.57 -27.14 9.54
C VAL A 112 -1.16 -27.63 10.92
N GLN A 113 -0.29 -28.64 11.00
CA GLN A 113 0.17 -29.22 12.24
C GLN A 113 1.61 -28.79 12.50
N ILE A 114 1.86 -28.24 13.68
N ILE A 114 1.86 -28.27 13.69
CA ILE A 114 3.21 -27.87 14.10
CA ILE A 114 3.18 -27.85 14.14
C ILE A 114 3.42 -28.42 15.49
C ILE A 114 3.39 -28.46 15.51
N ASP A 115 4.47 -29.22 15.66
CA ASP A 115 4.83 -29.83 16.95
C ASP A 115 3.63 -30.50 17.61
N GLY A 116 2.91 -31.31 16.82
CA GLY A 116 1.84 -32.14 17.31
C GLY A 116 0.49 -31.47 17.49
N LYS A 117 0.37 -30.20 17.10
CA LYS A 117 -0.83 -29.42 17.38
C LYS A 117 -1.34 -28.81 16.08
N VAL A 118 -2.66 -28.69 15.98
CA VAL A 118 -3.31 -28.12 14.81
C VAL A 118 -3.56 -26.64 15.09
N TYR A 119 -3.15 -25.78 14.16
CA TYR A 119 -3.27 -24.34 14.34
C TYR A 119 -4.16 -23.65 13.32
N ALA A 120 -4.77 -24.38 12.41
CA ALA A 120 -5.59 -23.79 11.37
C ALA A 120 -6.32 -24.91 10.64
N LEU A 121 -7.35 -24.53 9.87
CA LEU A 121 -8.01 -25.49 8.99
C LEU A 121 -7.70 -25.17 7.54
N PRO A 122 -7.31 -26.17 6.74
CA PRO A 122 -7.10 -25.95 5.31
C PRO A 122 -8.35 -25.42 4.63
N ILE A 123 -8.16 -24.48 3.71
CA ILE A 123 -9.26 -24.03 2.87
C ILE A 123 -9.07 -24.24 1.37
N ASP A 124 -7.86 -24.46 0.90
N ASP A 124 -7.86 -24.46 0.89
CA ASP A 124 -7.64 -24.77 -0.51
CA ASP A 124 -7.61 -24.68 -0.54
C ASP A 124 -6.29 -25.45 -0.65
C ASP A 124 -6.19 -25.19 -0.69
N ALA A 125 -5.88 -25.69 -1.88
CA ALA A 125 -4.54 -26.16 -2.17
C ALA A 125 -4.07 -25.59 -3.49
N GLY A 126 -2.75 -25.50 -3.64
CA GLY A 126 -2.17 -24.86 -4.80
C GLY A 126 -1.23 -25.69 -5.66
N PRO A 127 -1.58 -26.92 -6.02
CA PRO A 127 -0.76 -27.60 -7.02
C PRO A 127 -0.65 -26.70 -8.25
N MET A 128 0.54 -26.63 -8.83
CA MET A 128 0.74 -25.67 -9.92
C MET A 128 0.20 -26.20 -11.25
N ALA A 129 -0.11 -25.24 -12.13
CA ALA A 129 -0.55 -25.52 -13.48
C ALA A 129 -0.12 -24.35 -14.35
N PHE A 130 -0.11 -24.60 -15.65
CA PHE A 130 0.22 -23.62 -16.68
C PHE A 130 -1.08 -23.08 -17.26
N PHE A 131 -1.45 -21.89 -16.82
CA PHE A 131 -2.62 -21.19 -17.34
C PHE A 131 -2.15 -20.30 -18.48
N TYR A 132 -2.80 -20.38 -19.63
CA TYR A 132 -2.33 -19.60 -20.77
C TYR A 132 -3.49 -19.02 -21.56
N ASN A 133 -3.21 -17.88 -22.18
CA ASN A 133 -4.13 -17.22 -23.08
C ASN A 133 -3.93 -17.85 -24.45
N LYS A 134 -4.85 -18.74 -24.82
CA LYS A 134 -4.77 -19.45 -26.09
C LYS A 134 -4.79 -18.48 -27.27
N GLU A 135 -5.52 -17.37 -27.15
CA GLU A 135 -5.59 -16.44 -28.27
C GLU A 135 -4.22 -15.86 -28.56
N ILE A 136 -3.51 -15.46 -27.51
CA ILE A 136 -2.17 -14.89 -27.68
C ILE A 136 -1.18 -15.95 -28.11
N PHE A 137 -1.23 -17.14 -27.50
CA PHE A 137 -0.31 -18.19 -27.88
C PHE A 137 -0.49 -18.58 -29.34
N ASP A 138 -1.72 -18.83 -29.75
CA ASP A 138 -1.98 -19.19 -31.14
C ASP A 138 -1.49 -18.10 -32.08
N LYS A 139 -1.78 -16.84 -31.76
CA LYS A 139 -1.36 -15.73 -32.61
C LYS A 139 0.17 -15.65 -32.72
N ALA A 140 0.88 -16.00 -31.65
CA ALA A 140 2.35 -16.00 -31.64
C ALA A 140 2.94 -17.22 -32.31
N GLY A 141 2.12 -18.21 -32.65
CA GLY A 141 2.62 -19.41 -33.28
C GLY A 141 3.07 -20.46 -32.29
N VAL A 142 2.51 -20.46 -31.08
CA VAL A 142 2.85 -21.39 -30.02
C VAL A 142 1.63 -22.24 -29.69
N ASP A 143 1.83 -23.55 -29.62
CA ASP A 143 0.79 -24.46 -29.16
C ASP A 143 0.93 -24.61 -27.65
N GLY A 144 0.04 -23.97 -26.90
CA GLY A 144 0.10 -24.00 -25.45
C GLY A 144 -0.08 -25.38 -24.86
N GLU A 145 -0.54 -26.34 -25.66
CA GLU A 145 -0.69 -27.72 -25.21
C GLU A 145 0.58 -28.52 -25.43
N LYS A 146 1.62 -27.92 -26.03
CA LYS A 146 2.86 -28.63 -26.35
C LYS A 146 4.05 -28.07 -25.58
N ILE A 147 3.80 -27.42 -24.44
N ILE A 147 3.80 -27.46 -24.41
CA ILE A 147 4.91 -26.86 -23.65
CA ILE A 147 4.86 -26.88 -23.60
C ILE A 147 5.21 -27.84 -22.53
C ILE A 147 5.18 -27.87 -22.50
N LYS A 148 5.98 -28.87 -22.83
CA LYS A 148 6.26 -29.95 -21.91
C LYS A 148 7.50 -29.71 -21.06
N THR A 149 8.52 -29.05 -21.62
CA THR A 149 9.78 -28.87 -20.92
C THR A 149 10.05 -27.39 -20.70
N TRP A 150 10.99 -27.11 -19.80
CA TRP A 150 11.40 -25.74 -19.61
C TRP A 150 11.99 -25.14 -20.88
N ASP A 151 12.70 -25.93 -21.69
CA ASP A 151 13.17 -25.41 -22.97
C ASP A 151 12.01 -25.04 -23.87
N ASP A 152 10.94 -25.84 -23.88
CA ASP A 152 9.77 -25.47 -24.67
C ASP A 152 9.23 -24.13 -24.20
N TYR A 153 9.22 -23.90 -22.88
CA TYR A 153 8.72 -22.64 -22.37
C TYR A 153 9.61 -21.47 -22.79
N TYR A 154 10.92 -21.66 -22.71
CA TYR A 154 11.85 -20.63 -23.20
C TYR A 154 11.61 -20.30 -24.67
N GLU A 155 11.47 -21.33 -25.51
CA GLU A 155 11.22 -21.07 -26.92
C GLU A 155 9.89 -20.35 -27.11
N ALA A 156 8.87 -20.75 -26.34
CA ALA A 156 7.59 -20.05 -26.40
C ALA A 156 7.75 -18.60 -25.99
N ALA A 157 8.58 -18.34 -24.98
CA ALA A 157 8.75 -16.98 -24.48
C ALA A 157 9.30 -16.06 -25.57
N LYS A 158 10.21 -16.57 -26.40
CA LYS A 158 10.73 -15.76 -27.50
C LYS A 158 9.63 -15.46 -28.51
N LYS A 159 8.76 -16.43 -28.79
CA LYS A 159 7.71 -16.20 -29.77
C LYS A 159 6.66 -15.22 -29.24
N ILE A 160 6.32 -15.31 -27.95
CA ILE A 160 5.36 -14.36 -27.40
C ILE A 160 5.92 -12.94 -27.50
N HIS A 161 7.16 -12.76 -27.11
CA HIS A 161 7.71 -11.42 -27.09
C HIS A 161 7.90 -10.87 -28.49
N ALA A 162 8.00 -11.75 -29.49
CA ALA A 162 8.08 -11.29 -30.87
C ALA A 162 6.81 -10.58 -31.32
N LEU A 163 5.69 -10.76 -30.61
CA LEU A 163 4.46 -10.05 -30.98
C LEU A 163 4.63 -8.55 -30.87
N GLY A 164 5.50 -8.09 -29.99
CA GLY A 164 5.70 -6.69 -29.75
C GLY A 164 6.39 -6.47 -28.43
N ASP A 165 7.03 -5.31 -28.30
CA ASP A 165 7.89 -5.07 -27.14
C ASP A 165 7.13 -5.08 -25.84
N GLU A 166 5.80 -4.91 -25.86
CA GLU A 166 5.00 -4.89 -24.64
C GLU A 166 4.45 -6.27 -24.26
N TYR A 167 4.70 -7.31 -25.06
CA TYR A 167 4.11 -8.62 -24.86
C TYR A 167 5.11 -9.58 -24.25
N TYR A 168 4.70 -10.24 -23.16
CA TYR A 168 5.58 -11.15 -22.44
C TYR A 168 4.83 -12.41 -22.10
N ILE A 169 5.56 -13.53 -22.07
CA ILE A 169 4.94 -14.81 -21.77
C ILE A 169 4.34 -14.78 -20.37
N THR A 170 4.99 -14.09 -19.43
CA THR A 170 4.46 -13.90 -18.09
C THR A 170 5.20 -12.75 -17.43
N SER A 171 4.80 -12.43 -16.20
CA SER A 171 5.48 -11.43 -15.39
C SER A 171 6.10 -12.08 -14.16
N ASP A 172 7.24 -11.51 -13.74
CA ASP A 172 7.83 -11.86 -12.44
C ASP A 172 8.72 -10.68 -12.05
N SER A 173 8.22 -9.86 -11.13
CA SER A 173 8.99 -8.74 -10.64
C SER A 173 9.95 -9.15 -9.53
N GLY A 174 9.96 -10.43 -9.15
CA GLY A 174 10.87 -10.96 -8.17
C GLY A 174 10.15 -11.58 -7.00
N ASP A 175 9.37 -12.62 -7.25
CA ASP A 175 8.51 -13.22 -6.25
C ASP A 175 9.16 -14.43 -5.58
N ALA A 176 9.25 -14.38 -4.25
CA ALA A 176 9.90 -15.43 -3.49
C ALA A 176 9.14 -16.75 -3.59
N GLY A 177 7.82 -16.68 -3.51
CA GLY A 177 7.03 -17.90 -3.52
C GLY A 177 7.16 -18.65 -4.84
N PHE A 178 7.23 -17.91 -5.95
CA PHE A 178 7.44 -18.55 -7.23
C PHE A 178 8.81 -19.21 -7.30
N PHE A 179 9.84 -18.50 -6.88
CA PHE A 179 11.18 -19.06 -6.84
C PHE A 179 11.18 -20.37 -6.04
N ASP A 180 10.59 -20.33 -4.84
CA ASP A 180 10.59 -21.53 -4.00
C ASP A 180 9.82 -22.66 -4.66
N SER A 181 8.68 -22.35 -5.27
CA SER A 181 7.88 -23.39 -5.92
C SER A 181 8.64 -24.02 -7.09
N MET A 182 9.32 -23.21 -7.89
CA MET A 182 10.03 -23.76 -9.03
C MET A 182 11.21 -24.61 -8.61
N THR A 183 11.85 -24.23 -7.49
N THR A 183 11.84 -24.29 -7.48
CA THR A 183 12.88 -25.07 -6.89
CA THR A 183 12.91 -25.15 -7.00
C THR A 183 12.32 -26.44 -6.55
C THR A 183 12.35 -26.48 -6.50
N TRP A 184 11.16 -26.46 -5.89
CA TRP A 184 10.47 -27.69 -5.55
C TRP A 184 10.18 -28.52 -6.80
N LEU A 185 9.66 -27.87 -7.84
N LEU A 185 9.65 -27.86 -7.83
CA LEU A 185 9.30 -28.60 -9.06
CA LEU A 185 9.31 -28.53 -9.08
C LEU A 185 10.51 -29.27 -9.69
C LEU A 185 10.51 -29.27 -9.64
N ALA A 186 11.68 -28.64 -9.59
CA ALA A 186 12.91 -29.20 -10.14
C ALA A 186 13.57 -30.22 -9.24
N GLY A 187 12.88 -30.67 -8.18
CA GLY A 187 13.40 -31.70 -7.31
C GLY A 187 14.18 -31.20 -6.12
N GLY A 188 14.15 -29.90 -5.86
CA GLY A 188 14.94 -29.34 -4.79
C GLY A 188 14.27 -29.43 -3.43
N LYS A 189 15.08 -29.27 -2.42
CA LYS A 189 14.65 -29.18 -1.03
C LYS A 189 15.76 -28.46 -0.27
N PRO A 190 15.79 -27.13 -0.35
CA PRO A 190 16.90 -26.39 0.24
C PRO A 190 16.71 -26.09 1.73
N PHE A 191 15.56 -26.44 2.29
CA PHE A 191 15.25 -26.18 3.69
C PHE A 191 14.93 -27.49 4.40
N GLN A 192 15.53 -27.67 5.58
CA GLN A 192 15.31 -28.84 6.43
C GLN A 192 15.18 -28.37 7.86
N THR A 193 14.16 -28.86 8.57
CA THR A 193 13.97 -28.59 9.99
C THR A 193 13.75 -29.91 10.70
N THR A 194 14.45 -30.12 11.82
CA THR A 194 14.33 -31.30 12.67
C THR A 194 14.38 -30.89 14.14
N ASN A 195 14.30 -31.87 15.03
CA ASN A 195 14.45 -31.66 16.48
C ASN A 195 13.38 -30.72 17.03
N ASN A 196 12.12 -31.07 16.81
CA ASN A 196 10.99 -30.26 17.29
C ASN A 196 11.11 -28.82 16.83
N GLY A 197 11.79 -28.59 15.72
CA GLY A 197 11.86 -27.27 15.12
C GLY A 197 13.10 -26.48 15.46
N LYS A 198 14.04 -27.04 16.22
N LYS A 198 14.05 -27.04 16.21
CA LYS A 198 15.17 -26.30 16.74
CA LYS A 198 15.23 -26.30 16.65
C LYS A 198 16.41 -26.33 15.85
C LYS A 198 16.34 -26.28 15.60
N ASP A 199 16.48 -27.23 14.87
N ASP A 199 16.67 -27.42 15.01
CA ASP A 199 17.66 -27.41 14.06
CA ASP A 199 17.75 -27.52 14.03
C ASP A 199 17.29 -27.29 12.59
C ASP A 199 17.21 -27.21 12.64
N VAL A 200 17.87 -26.30 11.93
CA VAL A 200 17.48 -25.94 10.56
C VAL A 200 18.73 -25.92 9.69
N THR A 201 18.65 -26.53 8.53
CA THR A 201 19.70 -26.44 7.52
C THR A 201 19.15 -25.71 6.31
N ILE A 202 19.90 -24.75 5.81
CA ILE A 202 19.57 -24.03 4.58
C ILE A 202 20.73 -24.23 3.62
N ASN A 203 20.46 -24.82 2.47
CA ASN A 203 21.50 -25.01 1.46
C ASN A 203 20.98 -24.64 0.07
N LEU A 204 20.32 -23.49 0.00
CA LEU A 204 19.98 -22.86 -1.28
C LEU A 204 21.14 -22.83 -2.27
N THR A 205 22.36 -22.50 -1.79
CA THR A 205 23.47 -22.32 -2.71
C THR A 205 24.05 -23.62 -3.24
N GLY A 206 23.68 -24.76 -2.67
CA GLY A 206 24.11 -26.04 -3.19
C GLY A 206 23.03 -26.90 -3.82
N ASP A 207 21.75 -26.60 -3.55
CA ASP A 207 20.64 -27.48 -3.91
C ASP A 207 20.51 -27.56 -5.42
N ASN A 208 20.33 -28.78 -5.95
CA ASN A 208 20.29 -28.93 -7.40
C ASN A 208 19.03 -28.34 -8.01
N GLY A 209 17.90 -28.39 -7.30
CA GLY A 209 16.69 -27.78 -7.82
C GLY A 209 16.79 -26.27 -7.95
N VAL A 210 17.39 -25.63 -6.95
CA VAL A 210 17.68 -24.20 -7.04
C VAL A 210 18.54 -23.91 -8.25
N LYS A 211 19.63 -24.67 -8.41
CA LYS A 211 20.54 -24.45 -9.53
C LYS A 211 19.82 -24.57 -10.85
N GLU A 212 18.98 -25.60 -10.99
CA GLU A 212 18.26 -25.83 -12.25
C GLU A 212 17.30 -24.68 -12.54
N PHE A 213 16.56 -24.24 -11.52
CA PHE A 213 15.67 -23.10 -11.75
C PHE A 213 16.45 -21.84 -12.09
N GLU A 214 17.54 -21.57 -11.37
CA GLU A 214 18.31 -20.37 -11.64
C GLU A 214 18.75 -20.32 -13.10
N LYS A 215 19.28 -21.44 -13.61
CA LYS A 215 19.76 -21.49 -14.98
C LYS A 215 18.65 -21.16 -15.98
N PHE A 216 17.45 -21.70 -15.73
CA PHE A 216 16.30 -21.46 -16.58
C PHE A 216 15.86 -20.01 -16.54
N TRP A 217 15.54 -19.52 -15.34
CA TRP A 217 15.01 -18.16 -15.23
C TRP A 217 16.07 -17.13 -15.59
N GLN A 218 17.35 -17.41 -15.33
CA GLN A 218 18.40 -16.48 -15.70
C GLN A 218 18.42 -16.25 -17.20
N LYS A 219 18.19 -17.29 -17.99
CA LYS A 219 18.19 -17.10 -19.44
C LYS A 219 17.05 -16.20 -19.87
N LEU A 220 15.84 -16.41 -19.35
CA LEU A 220 14.72 -15.54 -19.71
C LEU A 220 14.96 -14.10 -19.27
N LEU A 221 15.52 -13.93 -18.07
CA LEU A 221 15.85 -12.58 -17.59
C LEU A 221 16.90 -11.94 -18.48
N ASP A 222 17.92 -12.70 -18.84
CA ASP A 222 19.03 -12.14 -19.62
C ASP A 222 18.55 -11.69 -21.00
N GLU A 223 17.63 -12.43 -21.60
CA GLU A 223 17.12 -12.11 -22.92
C GLU A 223 15.90 -11.19 -22.86
N LYS A 224 15.57 -10.67 -21.68
CA LYS A 224 14.49 -9.71 -21.47
C LYS A 224 13.15 -10.26 -21.94
N LEU A 225 12.89 -11.52 -21.63
CA LEU A 225 11.68 -12.21 -22.07
C LEU A 225 10.59 -12.26 -21.00
N LEU A 226 10.84 -11.68 -19.84
CA LEU A 226 9.87 -11.59 -18.76
C LEU A 226 9.52 -10.14 -18.47
N ASP A 227 8.25 -9.92 -18.14
CA ASP A 227 7.82 -8.62 -17.64
C ASP A 227 8.24 -8.55 -16.18
N THR A 228 9.27 -7.76 -15.89
CA THR A 228 9.77 -7.62 -14.52
C THR A 228 9.28 -6.35 -13.85
N LYS A 229 8.43 -5.58 -14.53
CA LYS A 229 7.86 -4.35 -13.96
C LYS A 229 6.56 -4.63 -13.22
N THR A 230 5.68 -5.43 -13.80
CA THR A 230 4.38 -5.64 -13.19
C THR A 230 4.52 -6.48 -11.93
N VAL A 231 3.91 -6.04 -10.85
CA VAL A 231 3.94 -6.75 -9.57
C VAL A 231 2.69 -7.62 -9.43
N GLY A 232 2.88 -8.86 -9.01
CA GLY A 232 1.74 -9.73 -8.79
C GLY A 232 0.73 -9.11 -7.86
N TRP A 233 -0.55 -9.32 -8.15
CA TRP A 233 -1.70 -8.92 -7.32
C TRP A 233 -2.00 -7.44 -7.46
N SER A 234 -1.31 -6.73 -8.35
CA SER A 234 -1.66 -5.35 -8.67
C SER A 234 -2.66 -5.31 -9.82
N GLU A 235 -3.30 -4.14 -9.99
CA GLU A 235 -4.28 -4.02 -11.07
C GLU A 235 -3.64 -4.25 -12.42
N ASP A 236 -2.40 -3.77 -12.61
CA ASP A 236 -1.76 -3.94 -13.91
C ASP A 236 -1.48 -5.40 -14.20
N TRP A 237 -1.35 -6.22 -13.17
CA TRP A 237 -1.20 -7.66 -13.37
C TRP A 237 -2.45 -8.22 -14.05
N PHE A 238 -3.62 -7.88 -13.50
CA PHE A 238 -4.86 -8.35 -14.10
C PHE A 238 -5.14 -7.69 -15.45
N LYS A 239 -4.78 -6.40 -15.61
CA LYS A 239 -4.90 -5.79 -16.92
C LYS A 239 -4.08 -6.55 -17.96
N GLY A 240 -2.87 -6.96 -17.60
CA GLY A 240 -2.04 -7.70 -18.55
C GLY A 240 -2.68 -9.02 -18.95
N MET A 241 -3.33 -9.69 -18.01
CA MET A 241 -4.05 -10.92 -18.34
C MET A 241 -5.19 -10.64 -19.29
N GLN A 242 -5.83 -9.48 -19.15
CA GLN A 242 -6.96 -9.13 -20.01
C GLN A 242 -6.49 -8.74 -21.41
N ASP A 243 -5.40 -7.98 -21.51
CA ASP A 243 -5.01 -7.39 -22.78
C ASP A 243 -3.99 -8.22 -23.55
N GLY A 244 -3.52 -9.33 -22.96
CA GLY A 244 -2.62 -10.23 -23.65
C GLY A 244 -1.15 -9.96 -23.44
N THR A 245 -0.79 -8.87 -22.77
CA THR A 245 0.61 -8.55 -22.54
C THR A 245 1.25 -9.39 -21.44
N ILE A 246 0.44 -10.05 -20.61
CA ILE A 246 0.89 -11.12 -19.72
C ILE A 246 0.15 -12.35 -20.22
N ALA A 247 0.82 -13.18 -21.00
CA ALA A 247 0.15 -14.20 -21.81
C ALA A 247 -0.16 -15.48 -21.06
N SER A 248 0.42 -15.71 -19.89
CA SER A 248 0.29 -16.99 -19.19
C SER A 248 0.78 -16.80 -17.77
N LEU A 249 0.48 -17.80 -16.95
CA LEU A 249 0.86 -17.83 -15.54
C LEU A 249 1.25 -19.25 -15.19
N LEU A 250 2.42 -19.41 -14.58
CA LEU A 250 2.84 -20.67 -13.98
C LEU A 250 2.53 -20.49 -12.50
N THR A 251 1.41 -21.04 -12.03
CA THR A 251 0.95 -20.64 -10.71
C THR A 251 0.02 -21.70 -10.12
N GLY A 252 -0.46 -21.43 -8.90
CA GLY A 252 -1.25 -22.39 -8.18
C GLY A 252 -2.66 -22.55 -8.73
N ALA A 253 -3.25 -23.70 -8.37
CA ALA A 253 -4.54 -24.12 -8.89
C ALA A 253 -5.70 -23.23 -8.45
N TRP A 254 -5.48 -22.32 -7.51
CA TRP A 254 -6.48 -21.33 -7.08
C TRP A 254 -6.67 -20.23 -8.12
N MET A 255 -5.84 -20.17 -9.15
CA MET A 255 -5.93 -19.04 -10.07
C MET A 255 -7.30 -18.85 -10.71
N PRO A 256 -8.09 -19.88 -11.04
CA PRO A 256 -9.35 -19.63 -11.76
C PRO A 256 -10.28 -18.61 -11.12
N GLY A 257 -10.46 -18.64 -9.79
CA GLY A 257 -11.34 -17.68 -9.15
C GLY A 257 -10.87 -16.26 -9.32
N ASN A 258 -9.55 -16.08 -9.40
CA ASN A 258 -8.99 -14.74 -9.58
C ASN A 258 -9.09 -14.28 -11.03
N LEU A 259 -8.86 -15.16 -11.99
CA LEU A 259 -9.09 -14.82 -13.39
C LEU A 259 -10.54 -14.39 -13.62
N VAL A 260 -11.48 -15.16 -13.08
CA VAL A 260 -12.88 -14.89 -13.31
C VAL A 260 -13.27 -13.53 -12.75
N ASN A 261 -12.84 -13.23 -11.52
CA ASN A 261 -13.30 -12.02 -10.85
C ASN A 261 -12.48 -10.79 -11.18
N SER A 262 -11.18 -10.95 -11.41
CA SER A 262 -10.30 -9.81 -11.59
C SER A 262 -9.78 -9.64 -13.00
N ALA A 263 -9.91 -10.65 -13.87
CA ALA A 263 -9.57 -10.51 -15.29
C ALA A 263 -10.74 -10.95 -16.18
N PRO A 264 -11.94 -10.47 -15.89
CA PRO A 264 -13.13 -10.99 -16.59
C PRO A 264 -13.13 -10.75 -18.09
N ALA A 265 -12.44 -9.74 -18.58
CA ALA A 265 -12.52 -9.42 -20.00
C ALA A 265 -11.94 -10.51 -20.89
N ALA A 266 -11.05 -11.35 -20.38
CA ALA A 266 -10.44 -12.41 -21.19
C ALA A 266 -11.13 -13.77 -21.02
N ALA A 267 -12.34 -13.79 -20.44
CA ALA A 267 -13.08 -15.03 -20.29
C ALA A 267 -13.25 -15.70 -21.65
N GLY A 268 -13.02 -17.01 -21.69
CA GLY A 268 -13.12 -17.78 -22.91
C GLY A 268 -11.82 -17.94 -23.67
N LYS A 269 -10.82 -17.11 -23.37
CA LYS A 269 -9.57 -17.12 -24.11
C LYS A 269 -8.49 -17.96 -23.45
N TRP A 270 -8.65 -18.30 -22.17
CA TRP A 270 -7.63 -19.00 -21.43
C TRP A 270 -7.89 -20.50 -21.38
N ARG A 271 -6.82 -21.25 -21.15
CA ARG A 271 -6.87 -22.70 -21.00
C ARG A 271 -5.88 -23.08 -19.91
N VAL A 272 -5.95 -24.35 -19.50
N VAL A 272 -5.94 -24.32 -19.46
CA VAL A 272 -5.11 -24.89 -18.44
CA VAL A 272 -5.02 -24.79 -18.44
C VAL A 272 -4.38 -26.10 -19.00
C VAL A 272 -4.38 -26.11 -18.90
N ALA A 273 -3.07 -26.19 -18.70
CA ALA A 273 -2.28 -27.38 -19.02
C ALA A 273 -1.38 -27.67 -17.83
N LEU A 274 -0.75 -28.84 -17.86
CA LEU A 274 0.18 -29.20 -16.80
C LEU A 274 1.44 -28.33 -16.85
N MET A 275 2.08 -28.16 -15.70
CA MET A 275 3.34 -27.42 -15.64
C MET A 275 4.39 -28.03 -16.56
N PRO A 276 5.15 -27.20 -17.28
CA PRO A 276 6.37 -27.71 -17.92
C PRO A 276 7.40 -28.05 -16.85
N THR A 277 8.21 -29.05 -17.13
CA THR A 277 9.20 -29.53 -16.19
C THR A 277 10.59 -29.47 -16.82
N PRO A 278 11.65 -29.49 -16.02
CA PRO A 278 13.01 -29.30 -16.56
C PRO A 278 13.33 -30.17 -17.77
N ASN A 279 12.99 -31.46 -17.71
CA ASN A 279 13.30 -32.39 -18.80
C ASN A 279 12.07 -33.16 -19.27
N GLY A 280 10.87 -32.66 -18.98
CA GLY A 280 9.66 -33.33 -19.38
C GLY A 280 9.26 -34.49 -18.51
N GLU A 281 9.99 -34.74 -17.43
CA GLU A 281 9.59 -35.74 -16.46
C GLU A 281 8.26 -35.34 -15.82
N LYS A 282 7.58 -36.34 -15.24
CA LYS A 282 6.37 -36.09 -14.47
C LYS A 282 6.77 -35.53 -13.11
N ALA A 283 6.40 -34.28 -12.85
CA ALA A 283 6.75 -33.64 -11.60
C ALA A 283 5.91 -32.37 -11.47
N ASN A 284 5.64 -31.99 -10.23
CA ASN A 284 4.95 -30.74 -9.96
C ASN A 284 5.31 -30.26 -8.57
N ALA A 285 4.97 -29.00 -8.31
CA ALA A 285 5.10 -28.38 -7.01
C ALA A 285 3.78 -27.72 -6.65
N GLU A 286 3.70 -27.20 -5.42
N GLU A 286 3.71 -27.18 -5.44
CA GLU A 286 2.62 -26.33 -5.01
CA GLU A 286 2.61 -26.33 -5.02
C GLU A 286 3.12 -24.90 -4.94
C GLU A 286 3.11 -24.90 -4.89
N ASN A 287 2.20 -23.97 -5.16
CA ASN A 287 2.45 -22.54 -5.02
C ASN A 287 1.24 -21.98 -4.27
N GLY A 288 1.48 -21.44 -3.09
CA GLY A 288 0.40 -21.00 -2.26
C GLY A 288 -0.40 -22.18 -1.76
N GLY A 289 -1.65 -21.87 -1.43
CA GLY A 289 -2.52 -22.74 -0.67
C GLY A 289 -2.62 -22.24 0.75
N SER A 290 -3.83 -22.16 1.27
CA SER A 290 -4.11 -21.43 2.49
C SER A 290 -4.98 -22.21 3.47
N SER A 291 -4.90 -21.71 4.70
CA SER A 291 -5.73 -22.11 5.81
C SER A 291 -6.38 -20.87 6.41
N LEU A 292 -7.36 -21.07 7.29
CA LEU A 292 -7.85 -20.03 8.18
C LEU A 292 -7.50 -20.43 9.60
N ALA A 293 -6.96 -19.48 10.35
CA ALA A 293 -6.58 -19.69 11.73
C ALA A 293 -7.30 -18.70 12.63
N VAL A 294 -7.54 -19.13 13.87
CA VAL A 294 -8.00 -18.24 14.94
C VAL A 294 -6.78 -17.63 15.59
N LEU A 295 -6.75 -16.31 15.71
N LEU A 295 -6.76 -16.31 15.69
CA LEU A 295 -5.62 -15.66 16.34
CA LEU A 295 -5.66 -15.66 16.38
C LEU A 295 -5.70 -15.84 17.85
C LEU A 295 -5.73 -15.97 17.86
N LYS A 296 -4.56 -16.21 18.45
CA LYS A 296 -4.52 -16.52 19.87
C LYS A 296 -5.11 -15.39 20.69
N SER A 297 -4.95 -14.14 20.23
CA SER A 297 -5.49 -12.95 20.87
C SER A 297 -7.01 -12.84 20.83
N SER A 298 -7.72 -13.68 20.09
CA SER A 298 -9.14 -13.43 19.87
C SER A 298 -9.92 -13.63 21.17
N PRO A 299 -10.74 -12.66 21.58
CA PRO A 299 -11.70 -12.87 22.66
C PRO A 299 -12.98 -13.55 22.22
N LYS A 300 -13.02 -14.02 20.97
CA LYS A 300 -14.19 -14.63 20.38
C LYS A 300 -13.83 -15.98 19.76
N ALA A 301 -13.09 -16.78 20.51
CA ALA A 301 -12.47 -17.97 19.92
C ALA A 301 -13.51 -18.96 19.41
N GLN A 302 -14.58 -19.20 20.18
CA GLN A 302 -15.56 -20.18 19.71
C GLN A 302 -16.26 -19.70 18.45
N ALA A 303 -16.67 -18.43 18.39
CA ALA A 303 -17.33 -17.94 17.19
C ALA A 303 -16.39 -17.89 16.00
N ALA A 304 -15.11 -17.61 16.26
CA ALA A 304 -14.11 -17.61 15.20
C ALA A 304 -13.93 -19.01 14.65
N TYR A 305 -13.78 -19.99 15.54
CA TYR A 305 -13.70 -21.38 15.12
C TYR A 305 -14.94 -21.79 14.34
N ASP A 306 -16.12 -21.43 14.84
CA ASP A 306 -17.34 -21.84 14.16
C ASP A 306 -17.37 -21.32 12.73
N PHE A 307 -16.92 -20.08 12.51
CA PHE A 307 -16.83 -19.57 11.15
C PHE A 307 -15.85 -20.38 10.30
N ILE A 308 -14.65 -20.60 10.82
N ILE A 308 -14.64 -20.64 10.82
CA ILE A 308 -13.65 -21.35 10.06
CA ILE A 308 -13.67 -21.34 9.98
C ILE A 308 -14.17 -22.73 9.68
C ILE A 308 -14.12 -22.76 9.69
N GLU A 309 -14.86 -23.39 10.62
CA GLU A 309 -15.38 -24.72 10.35
C GLU A 309 -16.34 -24.70 9.18
N TYR A 310 -17.19 -23.67 9.09
CA TYR A 310 -18.13 -23.58 7.98
C TYR A 310 -17.40 -23.46 6.66
N VAL A 311 -16.39 -22.60 6.62
CA VAL A 311 -15.65 -22.35 5.38
C VAL A 311 -14.89 -23.59 4.96
N ALA A 312 -14.18 -24.20 5.91
CA ALA A 312 -13.11 -25.15 5.62
C ALA A 312 -13.57 -26.60 5.67
N HIS A 313 -14.69 -26.87 6.31
CA HIS A 313 -15.12 -28.23 6.58
C HIS A 313 -16.59 -28.47 6.27
N GLY A 314 -17.46 -27.49 6.54
CA GLY A 314 -18.87 -27.60 6.25
C GLY A 314 -19.21 -27.13 4.85
N ASP A 315 -20.43 -26.59 4.70
CA ASP A 315 -20.97 -26.36 3.37
C ASP A 315 -20.21 -25.27 2.59
N GLY A 316 -19.35 -24.50 3.25
CA GLY A 316 -18.50 -23.59 2.50
C GLY A 316 -17.55 -24.28 1.55
N VAL A 317 -17.23 -25.55 1.80
CA VAL A 317 -16.27 -26.28 0.97
C VAL A 317 -16.77 -26.35 -0.47
N LYS A 318 -18.04 -26.73 -0.66
N LYS A 318 -18.04 -26.72 -0.66
CA LYS A 318 -18.59 -26.83 -2.00
CA LYS A 318 -18.59 -26.84 -2.01
C LYS A 318 -18.63 -25.46 -2.68
C LYS A 318 -18.66 -25.46 -2.69
N THR A 319 -19.08 -24.44 -1.95
CA THR A 319 -19.10 -23.09 -2.51
C THR A 319 -17.71 -22.68 -2.98
N HIS A 320 -16.71 -23.01 -2.18
CA HIS A 320 -15.34 -22.61 -2.48
C HIS A 320 -14.88 -23.20 -3.82
N VAL A 321 -15.15 -24.49 -4.05
CA VAL A 321 -14.80 -25.11 -5.33
C VAL A 321 -15.59 -24.50 -6.49
N GLU A 322 -16.90 -24.32 -6.29
CA GLU A 322 -17.76 -23.83 -7.37
C GLU A 322 -17.44 -22.39 -7.75
N THR A 323 -16.73 -21.64 -6.89
CA THR A 323 -16.33 -20.26 -7.16
C THR A 323 -14.86 -20.18 -7.55
N GLY A 324 -14.23 -21.33 -7.83
CA GLY A 324 -12.98 -21.37 -8.55
C GLY A 324 -11.74 -21.75 -7.77
N ALA A 325 -11.86 -22.17 -6.52
CA ALA A 325 -10.70 -22.64 -5.76
C ALA A 325 -10.55 -24.16 -5.88
N PHE A 326 -9.33 -24.63 -5.70
CA PHE A 326 -9.02 -26.03 -5.73
C PHE A 326 -9.14 -26.61 -4.31
N PRO A 327 -9.75 -27.77 -4.13
CA PRO A 327 -10.09 -28.22 -2.78
C PRO A 327 -8.88 -28.69 -1.98
N ALA A 328 -9.06 -28.67 -0.66
CA ALA A 328 -8.12 -29.24 0.29
C ALA A 328 -8.57 -30.56 0.86
N ASP A 329 -9.73 -31.06 0.47
CA ASP A 329 -10.34 -32.22 1.11
C ASP A 329 -10.54 -33.38 0.12
N LYS A 330 -10.59 -34.59 0.69
CA LYS A 330 -10.64 -35.81 -0.13
C LYS A 330 -11.93 -35.93 -0.92
N ALA A 331 -13.07 -35.67 -0.30
CA ALA A 331 -14.34 -35.95 -0.97
C ALA A 331 -14.53 -35.04 -2.18
N SER A 332 -14.09 -33.79 -2.10
CA SER A 332 -14.24 -32.90 -3.25
C SER A 332 -13.59 -33.48 -4.49
N LEU A 333 -12.45 -34.15 -4.34
CA LEU A 333 -11.78 -34.69 -5.52
C LEU A 333 -12.64 -35.69 -6.27
N GLU A 334 -13.59 -36.33 -5.61
CA GLU A 334 -14.46 -37.31 -6.23
C GLU A 334 -15.83 -36.75 -6.57
N ALA A 335 -16.08 -35.49 -6.24
CA ALA A 335 -17.41 -34.91 -6.38
C ALA A 335 -17.66 -34.45 -7.81
N ASP A 336 -18.91 -34.59 -8.24
CA ASP A 336 -19.27 -34.23 -9.61
C ASP A 336 -19.04 -32.73 -9.85
N TYR A 337 -19.31 -31.90 -8.84
CA TYR A 337 -19.15 -30.45 -8.98
C TYR A 337 -17.69 -30.05 -9.14
N PHE A 338 -16.76 -30.94 -8.79
CA PHE A 338 -15.34 -30.74 -9.02
C PHE A 338 -14.93 -31.35 -10.36
N LYS A 339 -15.11 -32.66 -10.49
CA LYS A 339 -14.59 -33.38 -11.64
C LYS A 339 -15.16 -32.85 -12.95
N ASN A 340 -16.45 -32.53 -12.97
CA ASN A 340 -17.12 -32.14 -14.20
C ASN A 340 -17.33 -30.63 -14.31
N ALA A 341 -16.58 -29.85 -13.53
CA ALA A 341 -16.69 -28.40 -13.60
C ALA A 341 -16.18 -27.86 -14.94
N THR A 342 -16.88 -26.86 -15.46
CA THR A 342 -16.39 -26.09 -16.59
C THR A 342 -16.54 -24.62 -16.25
N THR A 343 -17.77 -24.12 -16.19
CA THR A 343 -18.01 -22.76 -15.74
C THR A 343 -17.71 -22.61 -14.25
N ILE A 344 -17.40 -21.36 -13.87
CA ILE A 344 -17.04 -20.99 -12.51
C ILE A 344 -17.95 -19.85 -12.11
N LYS A 345 -18.51 -19.91 -10.90
CA LYS A 345 -19.37 -18.83 -10.43
C LYS A 345 -18.52 -17.65 -9.95
N ASN A 346 -18.79 -16.46 -10.48
CA ASN A 346 -18.10 -15.26 -10.02
C ASN A 346 -18.69 -14.78 -8.70
N SER A 347 -18.16 -13.67 -8.18
CA SER A 347 -18.56 -13.20 -6.86
C SER A 347 -20.02 -12.80 -6.79
N ASP A 348 -20.69 -12.63 -7.93
CA ASP A 348 -22.12 -12.36 -8.00
C ASP A 348 -22.97 -13.58 -8.30
N GLY A 349 -22.38 -14.78 -8.39
CA GLY A 349 -23.13 -15.98 -8.63
C GLY A 349 -23.37 -16.32 -10.08
N LYS A 350 -22.83 -15.54 -11.01
CA LYS A 350 -23.00 -15.80 -12.42
C LYS A 350 -21.98 -16.83 -12.90
N GLU A 351 -22.44 -17.79 -13.71
CA GLU A 351 -21.56 -18.81 -14.27
C GLU A 351 -20.74 -18.21 -15.41
N ILE A 352 -19.43 -18.28 -15.28
CA ILE A 352 -18.50 -17.70 -16.25
C ILE A 352 -17.71 -18.85 -16.87
N ASP A 353 -17.74 -18.93 -18.21
CA ASP A 353 -17.05 -19.99 -18.93
C ASP A 353 -15.63 -19.54 -19.28
N TYR A 354 -14.79 -19.48 -18.25
CA TYR A 354 -13.52 -18.78 -18.41
C TYR A 354 -12.59 -19.53 -19.36
N PHE A 355 -12.63 -20.86 -19.32
CA PHE A 355 -11.69 -21.69 -20.07
C PHE A 355 -12.33 -22.27 -21.34
N GLY A 356 -13.38 -21.64 -21.86
CA GLY A 356 -13.91 -22.03 -23.15
C GLY A 356 -14.45 -23.45 -23.18
N GLY A 357 -15.03 -23.88 -22.07
CA GLY A 357 -15.64 -25.18 -21.97
C GLY A 357 -14.73 -26.27 -21.43
N GLN A 358 -13.47 -25.96 -21.12
CA GLN A 358 -12.54 -26.97 -20.67
C GLN A 358 -12.96 -27.56 -19.33
N LYS A 359 -12.84 -28.88 -19.21
CA LYS A 359 -13.01 -29.56 -17.93
C LYS A 359 -11.71 -29.36 -17.15
N TYR A 360 -11.57 -28.17 -16.59
CA TYR A 360 -10.28 -27.70 -16.10
C TYR A 360 -9.82 -28.51 -14.89
N ASN A 361 -10.73 -29.10 -14.13
CA ASN A 361 -10.33 -29.90 -12.99
C ASN A 361 -9.80 -31.27 -13.37
N GLU A 362 -9.96 -31.70 -14.63
CA GLU A 362 -9.26 -32.89 -15.06
C GLU A 362 -7.76 -32.63 -15.05
N VAL A 363 -7.38 -31.45 -15.53
CA VAL A 363 -5.97 -31.06 -15.50
C VAL A 363 -5.53 -30.81 -14.06
N LEU A 364 -6.30 -30.03 -13.30
CA LEU A 364 -5.82 -29.68 -11.97
C LEU A 364 -5.74 -30.90 -11.06
N ALA A 365 -6.64 -31.88 -11.23
CA ALA A 365 -6.52 -33.09 -10.42
C ALA A 365 -5.24 -33.84 -10.74
N GLN A 366 -4.88 -33.92 -12.02
CA GLN A 366 -3.62 -34.54 -12.41
C GLN A 366 -2.44 -33.75 -11.86
N ALA A 367 -2.53 -32.41 -11.93
CA ALA A 367 -1.48 -31.57 -11.37
C ALA A 367 -1.25 -31.90 -9.91
N SER A 368 -2.32 -32.08 -9.15
CA SER A 368 -2.19 -32.42 -7.74
C SER A 368 -1.53 -33.78 -7.56
N ALA A 369 -1.91 -34.77 -8.36
CA ALA A 369 -1.32 -36.10 -8.24
C ALA A 369 0.16 -36.08 -8.52
N ASP A 370 0.64 -35.11 -9.31
CA ASP A 370 2.03 -35.08 -9.76
C ASP A 370 2.96 -34.37 -8.78
N VAL A 371 2.44 -33.77 -7.72
CA VAL A 371 3.27 -32.98 -6.82
C VAL A 371 4.31 -33.87 -6.15
N LEU A 372 5.58 -33.42 -6.21
CA LEU A 372 6.67 -34.16 -5.59
C LEU A 372 6.58 -34.04 -4.07
N THR A 373 6.83 -35.14 -3.38
CA THR A 373 6.76 -35.17 -1.92
C THR A 373 8.10 -34.79 -1.29
N GLY A 374 8.03 -34.42 -0.01
CA GLY A 374 9.21 -34.20 0.77
C GLY A 374 9.62 -32.75 0.96
N TYR A 375 9.07 -31.82 0.18
CA TYR A 375 9.48 -30.42 0.31
C TYR A 375 9.07 -29.90 1.67
N GLN A 376 9.89 -28.99 2.22
CA GLN A 376 9.60 -28.37 3.50
C GLN A 376 9.74 -26.85 3.44
N PHE A 377 8.91 -26.19 4.22
CA PHE A 377 9.01 -24.77 4.46
C PHE A 377 9.99 -24.53 5.62
N LEU A 378 10.60 -23.36 5.63
CA LEU A 378 11.33 -22.91 6.80
C LEU A 378 10.37 -22.64 7.95
N PRO A 379 10.88 -22.64 9.18
CA PRO A 379 10.05 -22.17 10.30
C PRO A 379 9.88 -20.66 10.35
N PHE A 380 10.45 -19.91 9.40
CA PHE A 380 10.38 -18.45 9.38
C PHE A 380 10.20 -17.95 7.94
N GLU A 381 9.20 -18.48 7.23
CA GLU A 381 9.01 -18.10 5.84
C GLU A 381 8.48 -16.68 5.69
N VAL A 382 7.75 -16.16 6.68
CA VAL A 382 7.31 -14.77 6.57
C VAL A 382 8.52 -13.85 6.50
N LYS A 383 9.48 -14.07 7.39
CA LYS A 383 10.73 -13.31 7.32
C LYS A 383 11.44 -13.59 6.00
N ALA A 384 11.60 -14.87 5.65
CA ALA A 384 12.43 -15.23 4.50
C ALA A 384 11.89 -14.65 3.21
N ARG A 385 10.58 -14.76 2.99
CA ARG A 385 10.02 -14.29 1.74
C ARG A 385 9.87 -12.78 1.76
N GLY A 386 9.75 -12.19 2.95
CA GLY A 386 9.70 -10.75 3.04
C GLY A 386 10.99 -10.07 2.63
N VAL A 387 12.14 -10.71 2.89
CA VAL A 387 13.45 -10.11 2.57
C VAL A 387 14.03 -10.61 1.26
N PHE A 388 13.42 -11.61 0.62
CA PHE A 388 13.90 -12.12 -0.66
C PHE A 388 14.22 -10.97 -1.63
N GLY A 389 13.31 -9.99 -1.73
CA GLY A 389 13.54 -8.88 -2.65
C GLY A 389 14.72 -8.01 -2.30
N ASP A 390 15.09 -7.94 -1.02
CA ASP A 390 16.25 -7.16 -0.62
C ASP A 390 17.51 -7.70 -1.26
N TYR A 391 17.60 -9.02 -1.44
CA TYR A 391 18.76 -9.70 -1.97
C TYR A 391 18.64 -10.03 -3.45
N LEU A 392 17.42 -10.30 -3.94
CA LEU A 392 17.22 -10.74 -5.31
C LEU A 392 16.65 -9.68 -6.23
N GLY A 393 16.15 -8.56 -5.71
CA GLY A 393 15.47 -7.61 -6.57
C GLY A 393 16.31 -7.16 -7.74
N LYS A 394 17.61 -6.91 -7.51
CA LYS A 394 18.51 -6.47 -8.56
C LYS A 394 18.71 -7.52 -9.64
N SER A 395 18.31 -8.77 -9.40
CA SER A 395 18.34 -9.78 -10.44
C SER A 395 17.17 -9.66 -11.38
N TYR A 396 16.06 -9.09 -10.92
CA TYR A 396 14.87 -8.94 -11.74
C TYR A 396 14.78 -7.56 -12.37
N THR A 397 15.21 -6.50 -11.66
CA THR A 397 15.26 -5.16 -12.23
C THR A 397 16.62 -4.76 -12.76
N GLY A 398 17.65 -5.57 -12.57
CA GLY A 398 18.99 -5.24 -13.02
C GLY A 398 19.74 -6.40 -13.65
N ASN A 399 21.05 -6.47 -13.41
CA ASN A 399 21.93 -7.44 -14.03
C ASN A 399 22.50 -8.44 -13.03
N GLN A 400 22.12 -8.35 -11.75
CA GLN A 400 22.72 -9.24 -10.77
C GLN A 400 22.37 -10.69 -11.10
N PRO A 401 23.34 -11.58 -11.21
CA PRO A 401 22.98 -12.99 -11.36
C PRO A 401 22.11 -13.48 -10.21
N LEU A 402 21.07 -14.24 -10.54
CA LEU A 402 20.25 -14.86 -9.50
C LEU A 402 21.11 -15.60 -8.47
N SER A 403 22.13 -16.35 -8.94
CA SER A 403 22.92 -17.15 -8.01
C SER A 403 23.58 -16.27 -6.95
N GLU A 404 24.01 -15.07 -7.32
CA GLU A 404 24.64 -14.16 -6.36
C GLU A 404 23.63 -13.68 -5.33
N GLY A 405 22.44 -13.28 -5.78
CA GLY A 405 21.41 -12.87 -4.85
C GLY A 405 21.01 -13.99 -3.91
N VAL A 406 20.89 -15.21 -4.43
CA VAL A 406 20.51 -16.33 -3.59
C VAL A 406 21.55 -16.58 -2.51
N ALA A 407 22.84 -16.48 -2.86
CA ALA A 407 23.86 -16.66 -1.84
C ALA A 407 23.73 -15.62 -0.74
N ALA A 408 23.43 -14.37 -1.10
CA ALA A 408 23.25 -13.34 -0.08
C ALA A 408 21.99 -13.58 0.74
N TRP A 409 20.95 -14.07 0.11
CA TRP A 409 19.72 -14.42 0.83
C TRP A 409 19.99 -15.55 1.83
N GLN A 410 20.71 -16.59 1.41
CA GLN A 410 21.01 -17.68 2.33
C GLN A 410 21.78 -17.18 3.55
N LYS A 411 22.79 -16.33 3.33
CA LYS A 411 23.56 -15.85 4.47
C LYS A 411 22.65 -15.09 5.44
N ALA A 412 21.77 -14.25 4.91
CA ALA A 412 20.86 -13.50 5.78
C ALA A 412 19.93 -14.43 6.55
N LEU A 413 19.48 -15.51 5.92
CA LEU A 413 18.57 -16.42 6.60
C LEU A 413 19.28 -17.22 7.68
N ILE A 414 20.51 -17.67 7.43
CA ILE A 414 21.28 -18.35 8.48
C ILE A 414 21.48 -17.43 9.67
N ASP A 415 21.86 -16.18 9.42
CA ASP A 415 22.10 -15.25 10.51
C ASP A 415 20.81 -15.01 11.29
N TYR A 416 19.72 -14.75 10.58
CA TYR A 416 18.43 -14.53 11.25
C TYR A 416 18.06 -15.72 12.12
N GLY A 417 18.17 -16.93 11.58
CA GLY A 417 17.81 -18.11 12.34
C GLY A 417 18.58 -18.19 13.65
N LYS A 418 19.90 -17.97 13.58
CA LYS A 418 20.71 -18.02 14.78
C LYS A 418 20.25 -16.97 15.78
N GLU A 419 19.92 -15.78 15.29
CA GLU A 419 19.50 -14.69 16.16
C GLU A 419 18.17 -14.98 16.84
N GLN A 420 17.36 -15.86 16.26
CA GLN A 420 16.05 -16.20 16.79
C GLN A 420 16.08 -17.49 17.60
N GLY A 421 17.25 -18.07 17.83
CA GLY A 421 17.39 -19.21 18.70
C GLY A 421 17.47 -20.56 18.02
N PHE A 422 17.41 -20.61 16.69
CA PHE A 422 17.57 -21.87 15.99
C PHE A 422 19.04 -22.23 15.90
N THR A 423 19.31 -23.53 15.84
CA THR A 423 20.65 -24.02 15.54
C THR A 423 20.75 -24.19 14.03
N MET A 424 21.56 -23.36 13.38
CA MET A 424 21.57 -23.21 11.94
C MET A 424 22.80 -23.85 11.31
N LYS A 425 22.60 -24.59 10.24
CA LYS A 425 23.68 -25.20 9.47
C LYS A 425 23.43 -24.97 7.98
N GLU A 426 24.47 -25.17 7.19
CA GLU A 426 24.38 -25.00 5.74
C GLU A 426 24.65 -26.32 5.03
N ASN B 17 14.59 13.15 -28.74
CA ASN B 17 14.36 11.71 -28.67
C ASN B 17 14.49 11.22 -27.23
N VAL B 18 13.92 11.98 -26.30
CA VAL B 18 13.99 11.62 -24.89
C VAL B 18 13.22 10.32 -24.66
N LYS B 19 13.82 9.41 -23.88
CA LYS B 19 13.20 8.14 -23.56
C LYS B 19 12.93 7.92 -22.08
N GLU B 20 13.50 8.75 -21.21
CA GLU B 20 13.36 8.57 -19.77
C GLU B 20 13.40 9.95 -19.13
N ILE B 21 12.66 10.10 -18.03
CA ILE B 21 12.76 11.29 -17.20
C ILE B 21 12.90 10.86 -15.74
N ASP B 22 13.51 11.74 -14.96
CA ASP B 22 13.70 11.53 -13.53
C ASP B 22 12.73 12.43 -12.77
N VAL B 23 12.01 11.86 -11.83
CA VAL B 23 10.99 12.58 -11.06
C VAL B 23 11.22 12.31 -9.59
N TRP B 24 11.27 13.36 -8.78
CA TRP B 24 11.30 13.23 -7.32
C TRP B 24 9.95 13.68 -6.77
N ALA B 25 9.28 12.79 -6.05
CA ALA B 25 7.98 13.10 -5.50
C ALA B 25 7.63 12.06 -4.46
N TRP B 26 6.94 12.47 -3.40
CA TRP B 26 6.53 11.56 -2.35
C TRP B 26 5.05 11.22 -2.36
N ASP B 27 4.23 11.93 -3.11
CA ASP B 27 2.81 11.63 -3.20
C ASP B 27 2.64 10.16 -3.61
N PRO B 28 1.96 9.34 -2.81
CA PRO B 28 1.92 7.90 -3.09
C PRO B 28 1.09 7.52 -4.30
N SER B 29 0.17 8.37 -4.74
CA SER B 29 -0.59 8.07 -5.96
C SER B 29 0.25 8.17 -7.21
N LEU B 30 1.39 8.87 -7.16
CA LEU B 30 2.10 9.12 -8.39
C LEU B 30 2.77 7.87 -8.97
N LYS B 31 3.06 6.86 -8.16
CA LYS B 31 3.70 5.67 -8.70
C LYS B 31 2.80 5.02 -9.76
N GLN B 32 1.52 4.83 -9.45
CA GLN B 32 0.64 4.19 -10.43
C GLN B 32 0.36 5.12 -11.60
N ILE B 33 0.20 6.41 -11.33
CA ILE B 33 -0.05 7.34 -12.42
C ILE B 33 1.14 7.34 -13.38
N ALA B 34 2.37 7.30 -12.84
CA ALA B 34 3.55 7.22 -13.69
C ALA B 34 3.56 5.93 -14.49
N ALA B 35 3.17 4.81 -13.87
CA ALA B 35 3.06 3.55 -14.62
C ALA B 35 2.06 3.67 -15.77
N ASP B 36 0.93 4.34 -15.52
CA ASP B 36 -0.06 4.55 -16.58
C ASP B 36 0.53 5.36 -17.72
N TYR B 37 1.28 6.42 -17.38
CA TYR B 37 1.90 7.25 -18.40
C TYR B 37 2.91 6.45 -19.23
N GLU B 38 3.71 5.60 -18.58
CA GLU B 38 4.67 4.78 -19.29
C GLU B 38 3.96 3.87 -20.28
N LYS B 39 2.84 3.27 -19.85
N LYS B 39 2.86 3.23 -19.84
CA LYS B 39 2.11 2.37 -20.74
CA LYS B 39 2.10 2.38 -20.72
C LYS B 39 1.46 3.11 -21.89
C LYS B 39 1.56 3.16 -21.92
N LYS B 40 1.06 4.36 -21.68
CA LYS B 40 0.45 5.14 -22.75
C LYS B 40 1.47 5.65 -23.77
N THR B 41 2.69 5.98 -23.33
CA THR B 41 3.66 6.71 -24.16
C THR B 41 4.93 5.96 -24.48
N GLY B 42 5.30 4.94 -23.70
CA GLY B 42 6.61 4.31 -23.82
C GLY B 42 7.74 5.03 -23.11
N ILE B 43 7.49 6.21 -22.54
CA ILE B 43 8.51 6.92 -21.77
C ILE B 43 8.71 6.22 -20.44
N LYS B 44 9.97 6.04 -20.05
CA LYS B 44 10.28 5.50 -18.72
C LYS B 44 10.30 6.65 -17.72
N VAL B 45 9.53 6.50 -16.64
CA VAL B 45 9.49 7.49 -15.58
C VAL B 45 10.21 6.90 -14.38
N ASN B 46 11.39 7.43 -14.10
N ASN B 46 11.42 7.40 -14.11
CA ASN B 46 12.18 6.99 -12.95
CA ASN B 46 12.20 6.99 -12.95
C ASN B 46 11.76 7.85 -11.76
C ASN B 46 11.74 7.86 -11.78
N LEU B 47 10.75 7.36 -11.05
CA LEU B 47 10.16 8.10 -9.94
C LEU B 47 10.81 7.65 -8.64
N LYS B 48 11.29 8.62 -7.86
CA LYS B 48 11.86 8.34 -6.55
C LYS B 48 11.23 9.24 -5.51
N ASN B 49 10.85 8.64 -4.38
CA ASN B 49 10.54 9.38 -3.16
C ASN B 49 11.86 9.56 -2.43
N VAL B 50 12.42 10.77 -2.49
CA VAL B 50 13.67 11.09 -1.80
C VAL B 50 13.41 11.78 -0.46
N GLY B 51 12.17 11.82 -0.03
CA GLY B 51 11.82 12.47 1.22
C GLY B 51 10.54 13.26 1.05
N THR B 52 9.90 13.54 2.18
CA THR B 52 8.71 14.35 2.25
C THR B 52 9.10 15.78 2.61
N ASN B 53 8.35 16.74 2.08
CA ASN B 53 8.54 18.17 2.26
C ASN B 53 10.01 18.57 2.40
N THR B 54 10.41 19.01 3.60
N THR B 54 10.41 19.01 3.60
CA THR B 54 11.74 19.58 3.81
CA THR B 54 11.74 19.57 3.78
C THR B 54 12.85 18.59 3.46
C THR B 54 12.84 18.59 3.39
N LYS B 55 12.61 17.29 3.62
CA LYS B 55 13.62 16.30 3.27
C LYS B 55 13.86 16.30 1.76
N GLU B 56 12.79 16.40 0.97
CA GLU B 56 12.99 16.52 -0.47
C GLU B 56 13.67 17.83 -0.81
N TYR B 57 13.24 18.94 -0.18
CA TYR B 57 13.78 20.23 -0.54
C TYR B 57 15.28 20.32 -0.25
N THR B 58 15.73 19.68 0.82
CA THR B 58 17.17 19.64 1.10
C THR B 58 17.91 18.91 -0.02
N GLN B 59 17.37 17.77 -0.47
CA GLN B 59 18.02 17.05 -1.56
C GLN B 59 18.02 17.87 -2.85
N LEU B 60 16.91 18.52 -3.16
N LEU B 60 16.93 18.58 -3.12
CA LEU B 60 16.91 19.43 -4.31
CA LEU B 60 16.87 19.43 -4.29
C LEU B 60 17.96 20.50 -4.13
C LEU B 60 17.85 20.60 -4.17
N ASP B 61 17.96 21.16 -2.97
CA ASP B 61 18.93 22.23 -2.73
C ASP B 61 20.35 21.73 -2.90
N ASN B 62 20.64 20.52 -2.41
CA ASN B 62 21.99 19.98 -2.55
C ASN B 62 22.34 19.77 -4.01
N ALA B 63 21.38 19.27 -4.82
CA ALA B 63 21.65 19.03 -6.23
C ALA B 63 21.79 20.34 -6.97
N ILE B 64 20.97 21.33 -6.64
CA ILE B 64 21.13 22.67 -7.21
C ILE B 64 22.51 23.22 -6.86
N GLU B 65 22.92 23.10 -5.60
CA GLU B 65 24.22 23.64 -5.19
C GLU B 65 25.36 22.95 -5.91
N ALA B 66 25.25 21.63 -6.10
CA ALA B 66 26.30 20.84 -6.74
C ALA B 66 26.32 21.01 -8.26
N GLY B 67 25.21 21.42 -8.85
CA GLY B 67 25.11 21.50 -10.30
C GLY B 67 24.98 20.17 -10.99
N SER B 68 24.63 19.12 -10.26
CA SER B 68 24.51 17.79 -10.83
C SER B 68 23.50 17.00 -10.01
N GLY B 69 22.84 16.05 -10.67
CA GLY B 69 21.98 15.09 -9.98
C GLY B 69 20.55 15.54 -9.74
N ALA B 70 20.16 16.71 -10.21
CA ALA B 70 18.79 17.14 -10.04
C ALA B 70 17.86 16.31 -10.92
N PRO B 71 16.62 16.08 -10.47
CA PRO B 71 15.62 15.45 -11.33
C PRO B 71 15.16 16.40 -12.42
N ASP B 72 14.42 15.84 -13.40
CA ASP B 72 13.76 16.69 -14.38
C ASP B 72 12.50 17.33 -13.82
N VAL B 73 11.81 16.62 -12.93
CA VAL B 73 10.52 17.04 -12.35
C VAL B 73 10.62 16.85 -10.85
N ALA B 74 10.08 17.80 -10.10
CA ALA B 74 9.97 17.63 -8.65
C ALA B 74 8.59 18.03 -8.16
N GLN B 75 8.13 17.33 -7.13
CA GLN B 75 6.95 17.75 -6.38
C GLN B 75 7.33 18.96 -5.53
N ILE B 76 6.62 20.07 -5.72
N ILE B 76 6.61 20.06 -5.73
CA ILE B 76 6.91 21.26 -4.95
CA ILE B 76 6.84 21.32 -5.04
C ILE B 76 5.59 21.81 -4.43
C ILE B 76 5.52 21.75 -4.44
N GLU B 77 5.46 21.88 -3.11
CA GLU B 77 4.23 22.31 -2.49
C GLU B 77 4.01 23.78 -2.78
N TYR B 78 2.74 24.20 -2.76
CA TYR B 78 2.43 25.59 -3.04
C TYR B 78 3.23 26.53 -2.17
N TYR B 79 3.39 26.21 -0.89
CA TYR B 79 4.07 27.14 -0.01
C TYR B 79 5.54 27.31 -0.37
N ALA B 80 6.14 26.30 -1.01
CA ALA B 80 7.56 26.32 -1.34
C ALA B 80 7.83 26.89 -2.71
N LEU B 81 6.82 26.98 -3.58
N LEU B 81 6.81 27.00 -3.56
CA LEU B 81 7.04 27.44 -4.94
CA LEU B 81 7.01 27.43 -4.93
C LEU B 81 7.66 28.83 -4.98
C LEU B 81 7.60 28.84 -5.02
N PRO B 82 7.19 29.82 -4.22
CA PRO B 82 7.80 31.16 -4.33
C PRO B 82 9.31 31.15 -4.17
N GLN B 83 9.83 30.45 -3.15
CA GLN B 83 11.26 30.50 -2.93
C GLN B 83 12.03 29.90 -4.12
N TYR B 84 11.57 28.76 -4.64
CA TYR B 84 12.26 28.16 -5.77
C TYR B 84 12.08 28.98 -7.03
N ALA B 85 10.88 29.51 -7.26
CA ALA B 85 10.62 30.24 -8.50
C ALA B 85 11.39 31.55 -8.56
N ILE B 86 11.44 32.27 -7.43
CA ILE B 86 12.12 33.57 -7.38
C ILE B 86 13.61 33.40 -7.64
N LYS B 87 14.20 32.28 -7.21
N LYS B 87 14.19 32.28 -7.18
CA LYS B 87 15.61 31.98 -7.40
CA LYS B 87 15.61 32.01 -7.41
C LYS B 87 15.93 31.49 -8.81
C LYS B 87 15.90 31.72 -8.88
N GLY B 88 14.92 31.26 -9.64
CA GLY B 88 15.13 30.87 -11.02
C GLY B 88 15.32 29.38 -11.25
N ASN B 89 15.07 28.55 -10.24
CA ASN B 89 15.32 27.12 -10.33
C ASN B 89 14.26 26.37 -11.11
N LEU B 90 13.12 26.98 -11.40
CA LEU B 90 11.99 26.31 -12.04
C LEU B 90 11.78 26.87 -13.44
N LEU B 91 11.37 26.01 -14.36
CA LEU B 91 11.11 26.44 -15.72
C LEU B 91 9.79 27.20 -15.79
N ASP B 92 9.81 28.36 -16.42
CA ASP B 92 8.60 29.11 -16.72
C ASP B 92 7.85 28.36 -17.82
N ILE B 93 6.71 27.78 -17.48
CA ILE B 93 5.90 27.00 -18.40
C ILE B 93 4.64 27.75 -18.82
N THR B 94 4.63 29.07 -18.65
CA THR B 94 3.46 29.87 -18.99
C THR B 94 2.98 29.56 -20.41
N ASP B 95 3.90 29.48 -21.37
CA ASP B 95 3.50 29.31 -22.75
C ASP B 95 2.89 27.95 -23.03
N LYS B 96 3.09 26.98 -22.15
CA LYS B 96 2.50 25.67 -22.31
C LYS B 96 1.12 25.56 -21.67
N THR B 97 0.63 26.63 -21.02
CA THR B 97 -0.58 26.53 -20.19
C THR B 97 -1.71 27.46 -20.62
N SER B 98 -1.73 27.85 -21.89
N SER B 98 -1.73 27.86 -21.89
CA SER B 98 -2.79 28.73 -22.38
CA SER B 98 -2.78 28.75 -22.37
C SER B 98 -4.16 28.14 -22.12
C SER B 98 -4.15 28.16 -22.13
N GLY B 99 -5.03 28.93 -21.49
CA GLY B 99 -6.37 28.49 -21.16
C GLY B 99 -6.49 27.77 -19.83
N TYR B 100 -5.39 27.41 -19.19
CA TYR B 100 -5.47 26.58 -18.00
C TYR B 100 -6.12 27.28 -16.81
N GLU B 101 -6.20 28.61 -16.80
CA GLU B 101 -6.90 29.29 -15.72
C GLU B 101 -8.34 28.81 -15.60
N ASP B 102 -8.93 28.40 -16.71
CA ASP B 102 -10.31 27.95 -16.67
C ASP B 102 -10.45 26.53 -16.16
N PHE B 103 -9.36 25.77 -16.15
CA PHE B 103 -9.36 24.37 -15.76
C PHE B 103 -9.17 24.22 -14.26
N TYR B 104 -8.31 25.03 -13.65
CA TYR B 104 -7.94 24.85 -12.25
C TYR B 104 -8.78 25.72 -11.33
N ASN B 105 -8.95 25.25 -10.11
CA ASN B 105 -9.58 26.09 -9.11
C ASN B 105 -8.69 27.30 -8.84
N PRO B 106 -9.30 28.45 -8.53
N PRO B 106 -9.29 28.43 -8.48
CA PRO B 106 -8.52 29.70 -8.40
CA PRO B 106 -8.52 29.68 -8.39
C PRO B 106 -7.37 29.64 -7.41
C PRO B 106 -7.39 29.66 -7.39
N GLY B 107 -7.54 28.97 -6.27
CA GLY B 107 -6.50 28.92 -5.26
C GLY B 107 -5.24 28.30 -5.81
N PRO B 108 -5.33 27.04 -6.19
CA PRO B 108 -4.17 26.37 -6.79
C PRO B 108 -3.58 27.10 -7.99
N TRP B 109 -4.42 27.64 -8.87
CA TRP B 109 -3.89 28.34 -10.04
C TRP B 109 -3.09 29.57 -9.64
N SER B 110 -3.56 30.32 -8.64
N SER B 110 -3.58 30.33 -8.67
CA SER B 110 -2.83 31.50 -8.18
CA SER B 110 -2.82 31.49 -8.18
C SER B 110 -1.54 31.09 -7.48
C SER B 110 -1.49 31.03 -7.59
N SER B 111 -1.49 29.89 -6.92
CA SER B 111 -0.32 29.46 -6.17
C SER B 111 0.82 29.01 -7.04
N VAL B 112 0.57 28.64 -8.30
CA VAL B 112 1.65 28.18 -9.18
C VAL B 112 2.23 29.33 -10.00
N GLN B 113 1.76 30.54 -9.73
CA GLN B 113 2.22 31.73 -10.46
C GLN B 113 3.04 32.60 -9.54
N ILE B 114 4.20 33.02 -10.02
N ILE B 114 4.20 33.02 -10.02
CA ILE B 114 5.07 33.96 -9.35
CA ILE B 114 5.06 33.97 -9.34
C ILE B 114 5.44 35.01 -10.37
C ILE B 114 5.44 35.01 -10.37
N ASP B 115 5.23 36.28 -10.02
CA ASP B 115 5.51 37.40 -10.92
C ASP B 115 4.88 37.17 -12.30
N GLY B 116 3.61 36.76 -12.28
CA GLY B 116 2.82 36.62 -13.49
C GLY B 116 3.13 35.43 -14.36
N LYS B 117 4.04 34.56 -13.93
CA LYS B 117 4.51 33.46 -14.75
C LYS B 117 4.14 32.16 -14.06
N VAL B 118 3.80 31.15 -14.85
CA VAL B 118 3.44 29.84 -14.33
C VAL B 118 4.72 29.00 -14.21
N TYR B 119 4.94 28.44 -13.01
CA TYR B 119 6.15 27.67 -12.73
C TYR B 119 5.88 26.23 -12.36
N ALA B 120 4.63 25.77 -12.41
CA ALA B 120 4.30 24.41 -12.05
C ALA B 120 2.82 24.18 -12.38
N LEU B 121 2.42 22.92 -12.40
CA LEU B 121 0.98 22.61 -12.52
C LEU B 121 0.44 22.03 -11.21
N PRO B 122 -0.72 22.48 -10.76
CA PRO B 122 -1.31 21.92 -9.53
C PRO B 122 -1.63 20.44 -9.71
N ILE B 123 -1.38 19.65 -8.66
CA ILE B 123 -1.77 18.25 -8.67
C ILE B 123 -2.75 17.87 -7.58
N ASP B 124 -2.90 18.65 -6.51
N ASP B 124 -2.93 18.67 -6.54
CA ASP B 124 -3.85 18.35 -5.45
CA ASP B 124 -3.97 18.41 -5.56
C ASP B 124 -3.98 19.59 -4.57
C ASP B 124 -4.22 19.69 -4.78
N ALA B 125 -4.98 19.59 -3.70
CA ALA B 125 -5.13 20.67 -2.72
C ALA B 125 -5.29 20.06 -1.34
N GLY B 126 -4.95 20.85 -0.32
CA GLY B 126 -4.95 20.37 1.05
C GLY B 126 -5.85 21.08 2.04
N PRO B 127 -7.10 21.36 1.72
CA PRO B 127 -8.01 21.87 2.76
C PRO B 127 -8.02 20.89 3.91
N MET B 128 -7.96 21.40 5.13
CA MET B 128 -7.81 20.53 6.28
C MET B 128 -9.14 19.89 6.66
N ALA B 129 -9.02 18.72 7.28
CA ALA B 129 -10.17 18.06 7.87
C ALA B 129 -9.69 17.28 9.09
N PHE B 130 -10.64 16.88 9.91
CA PHE B 130 -10.41 16.12 11.14
C PHE B 130 -10.70 14.66 10.80
N PHE B 131 -9.66 13.89 10.56
CA PHE B 131 -9.76 12.45 10.34
C PHE B 131 -9.64 11.78 11.70
N TYR B 132 -10.54 10.87 12.02
CA TYR B 132 -10.46 10.22 13.33
C TYR B 132 -10.78 8.75 13.25
N ASN B 133 -10.13 7.99 14.13
CA ASN B 133 -10.40 6.56 14.28
C ASN B 133 -11.62 6.45 15.20
N LYS B 134 -12.78 6.27 14.59
CA LYS B 134 -14.03 6.24 15.34
C LYS B 134 -14.07 5.07 16.30
N GLU B 135 -13.45 3.94 15.96
N GLU B 135 -13.47 3.94 15.94
CA GLU B 135 -13.47 2.82 16.89
CA GLU B 135 -13.42 2.80 16.85
C GLU B 135 -12.73 3.16 18.18
C GLU B 135 -12.75 3.19 18.16
N ILE B 136 -11.60 3.88 18.08
CA ILE B 136 -10.84 4.23 19.26
C ILE B 136 -11.53 5.35 20.05
N PHE B 137 -12.00 6.37 19.35
CA PHE B 137 -12.79 7.42 20.00
C PHE B 137 -13.99 6.83 20.72
N ASP B 138 -14.72 5.95 20.04
CA ASP B 138 -15.89 5.33 20.66
C ASP B 138 -15.49 4.55 21.92
N LYS B 139 -14.39 3.79 21.85
CA LYS B 139 -13.95 3.05 23.04
C LYS B 139 -13.64 3.98 24.20
N ALA B 140 -13.09 5.17 23.90
CA ALA B 140 -12.71 6.16 24.90
C ALA B 140 -13.88 6.97 25.45
N GLY B 141 -15.09 6.78 24.94
CA GLY B 141 -16.21 7.58 25.38
C GLY B 141 -16.35 8.91 24.70
N VAL B 142 -15.80 9.06 23.49
CA VAL B 142 -15.80 10.32 22.75
C VAL B 142 -16.56 10.12 21.45
N ASP B 143 -17.42 11.06 21.12
CA ASP B 143 -18.12 11.10 19.84
C ASP B 143 -17.38 12.09 18.94
N GLY B 144 -16.63 11.57 17.97
CA GLY B 144 -15.85 12.45 17.12
C GLY B 144 -16.67 13.43 16.33
N GLU B 145 -17.95 13.14 16.11
CA GLU B 145 -18.80 14.07 15.38
C GLU B 145 -19.18 15.30 16.20
N LYS B 146 -18.90 15.31 17.49
CA LYS B 146 -19.26 16.42 18.36
C LYS B 146 -18.06 17.32 18.66
N ILE B 147 -16.93 17.13 17.99
N ILE B 147 -16.93 17.11 17.97
CA ILE B 147 -15.71 17.88 18.32
CA ILE B 147 -15.69 17.86 18.24
C ILE B 147 -15.69 19.09 17.38
C ILE B 147 -15.75 19.08 17.32
N LYS B 148 -16.44 20.12 17.78
CA LYS B 148 -16.64 21.32 16.96
C LYS B 148 -15.66 22.43 17.30
N THR B 149 -15.27 22.53 18.57
CA THR B 149 -14.38 23.58 19.02
C THR B 149 -13.05 23.01 19.50
N TRP B 150 -12.09 23.92 19.63
CA TRP B 150 -10.81 23.52 20.17
C TRP B 150 -10.94 23.02 21.60
N ASP B 151 -11.83 23.61 22.40
CA ASP B 151 -12.03 23.06 23.73
C ASP B 151 -12.58 21.64 23.67
N ASP B 152 -13.51 21.36 22.74
CA ASP B 152 -14.00 19.99 22.58
C ASP B 152 -12.84 19.04 22.30
N TYR B 153 -11.89 19.47 21.47
CA TYR B 153 -10.76 18.62 21.11
C TYR B 153 -9.87 18.39 22.33
N TYR B 154 -9.61 19.44 23.10
CA TYR B 154 -8.88 19.29 24.36
C TYR B 154 -9.54 18.27 25.28
N GLU B 155 -10.86 18.38 25.50
CA GLU B 155 -11.53 17.45 26.40
C GLU B 155 -11.50 16.03 25.84
N ALA B 156 -11.63 15.88 24.52
CA ALA B 156 -11.48 14.56 23.91
C ALA B 156 -10.08 14.02 24.12
N ALA B 157 -9.07 14.90 24.04
CA ALA B 157 -7.68 14.47 24.18
C ALA B 157 -7.45 13.82 25.53
N LYS B 158 -8.05 14.38 26.58
CA LYS B 158 -7.93 13.77 27.90
C LYS B 158 -8.52 12.36 27.90
N LYS B 159 -9.66 12.19 27.25
CA LYS B 159 -10.33 10.89 27.28
C LYS B 159 -9.59 9.87 26.42
N ILE B 160 -9.01 10.29 25.29
CA ILE B 160 -8.19 9.38 24.50
C ILE B 160 -7.00 8.89 25.33
N HIS B 161 -6.30 9.81 25.98
CA HIS B 161 -5.09 9.42 26.70
C HIS B 161 -5.41 8.57 27.92
N ALA B 162 -6.64 8.66 28.43
CA ALA B 162 -7.08 7.78 29.50
C ALA B 162 -7.18 6.32 29.08
N LEU B 163 -7.13 6.02 27.78
CA LEU B 163 -7.09 4.62 27.34
C LEU B 163 -5.81 3.94 27.79
N GLY B 164 -4.72 4.70 27.92
CA GLY B 164 -3.44 4.15 28.30
C GLY B 164 -2.32 5.11 27.99
N ASP B 165 -1.18 4.85 28.62
CA ASP B 165 -0.05 5.77 28.53
C ASP B 165 0.41 5.97 27.10
N GLU B 166 0.22 4.98 26.23
CA GLU B 166 0.72 5.08 24.86
C GLU B 166 -0.31 5.65 23.89
N TYR B 167 -1.53 5.96 24.34
CA TYR B 167 -2.59 6.42 23.44
C TYR B 167 -2.72 7.94 23.46
N TYR B 168 -2.72 8.54 22.27
CA TYR B 168 -2.76 9.97 22.13
C TYR B 168 -3.76 10.37 21.04
N ILE B 169 -4.42 11.50 21.26
CA ILE B 169 -5.38 11.97 20.27
C ILE B 169 -4.72 12.16 18.92
N THR B 170 -3.48 12.68 18.91
CA THR B 170 -2.70 12.77 17.68
C THR B 170 -1.24 12.92 18.07
N SER B 171 -0.39 12.97 17.05
CA SER B 171 1.02 13.22 17.23
C SER B 171 1.40 14.56 16.62
N ASP B 172 2.40 15.19 17.24
CA ASP B 172 3.04 16.38 16.68
C ASP B 172 4.40 16.48 17.34
N SER B 173 5.45 16.08 16.63
CA SER B 173 6.81 16.20 17.14
C SER B 173 7.38 17.59 16.92
N GLY B 174 6.63 18.47 16.28
CA GLY B 174 7.01 19.87 16.08
C GLY B 174 7.04 20.23 14.62
N ASP B 175 5.89 20.15 13.97
CA ASP B 175 5.82 20.32 12.53
C ASP B 175 5.44 21.75 12.15
N ALA B 176 6.28 22.37 11.32
CA ALA B 176 6.08 23.77 10.94
C ALA B 176 4.81 23.95 10.14
N GLY B 177 4.58 23.07 9.16
CA GLY B 177 3.41 23.22 8.31
C GLY B 177 2.11 23.12 9.07
N PHE B 178 2.07 22.24 10.08
CA PHE B 178 0.89 22.14 10.91
C PHE B 178 0.70 23.39 11.75
N PHE B 179 1.77 23.87 12.39
CA PHE B 179 1.69 25.13 13.13
C PHE B 179 1.16 26.25 12.24
N ASP B 180 1.74 26.41 11.05
CA ASP B 180 1.31 27.46 10.15
C ASP B 180 -0.17 27.29 9.79
N SER B 181 -0.57 26.08 9.44
CA SER B 181 -1.96 25.84 9.04
C SER B 181 -2.93 26.18 10.17
N MET B 182 -2.59 25.80 11.41
CA MET B 182 -3.50 26.07 12.51
C MET B 182 -3.60 27.56 12.77
N THR B 183 -2.50 28.31 12.60
CA THR B 183 -2.60 29.76 12.76
C THR B 183 -3.49 30.38 11.69
N TRP B 184 -3.43 29.84 10.46
CA TRP B 184 -4.31 30.28 9.38
C TRP B 184 -5.77 30.02 9.76
N LEU B 185 -6.06 28.82 10.26
N LEU B 185 -6.03 28.81 10.29
CA LEU B 185 -7.43 28.48 10.60
CA LEU B 185 -7.37 28.36 10.69
C LEU B 185 -7.99 29.44 11.63
C LEU B 185 -7.98 29.30 11.72
N ALA B 186 -7.15 29.87 12.59
CA ALA B 186 -7.59 30.74 13.67
C ALA B 186 -7.68 32.20 13.26
N GLY B 187 -7.60 32.50 11.96
CA GLY B 187 -7.65 33.86 11.48
C GLY B 187 -6.33 34.59 11.44
N GLY B 188 -5.23 33.87 11.62
CA GLY B 188 -3.92 34.51 11.62
C GLY B 188 -3.47 34.91 10.23
N LYS B 189 -2.66 35.97 10.19
CA LYS B 189 -1.97 36.36 8.96
C LYS B 189 -0.66 37.03 9.34
N PRO B 190 0.25 36.24 9.90
CA PRO B 190 1.48 36.82 10.44
C PRO B 190 2.48 37.23 9.38
N PHE B 191 2.34 36.78 8.15
CA PHE B 191 3.28 37.06 7.07
C PHE B 191 2.57 37.89 6.01
N GLN B 192 3.14 39.02 5.63
CA GLN B 192 2.56 39.86 4.59
C GLN B 192 3.67 40.41 3.73
N THR B 193 3.54 40.26 2.41
CA THR B 193 4.53 40.76 1.46
C THR B 193 3.92 41.87 0.62
N THR B 194 4.65 42.97 0.49
CA THR B 194 4.20 44.16 -0.21
C THR B 194 5.37 44.75 -0.99
N ASN B 195 5.08 45.82 -1.75
CA ASN B 195 6.12 46.61 -2.42
C ASN B 195 6.89 45.77 -3.43
N ASN B 196 6.14 45.21 -4.39
CA ASN B 196 6.66 44.35 -5.45
C ASN B 196 7.66 43.31 -4.93
N GLY B 197 7.25 42.63 -3.85
CA GLY B 197 7.99 41.51 -3.31
C GLY B 197 9.16 41.88 -2.42
N LYS B 198 9.41 43.15 -2.20
CA LYS B 198 10.57 43.63 -1.44
C LYS B 198 10.32 43.69 0.05
N ASP B 199 9.10 44.04 0.46
CA ASP B 199 8.81 44.32 1.87
C ASP B 199 8.08 43.13 2.47
N VAL B 200 8.66 42.55 3.51
CA VAL B 200 8.06 41.40 4.17
C VAL B 200 7.87 41.76 5.62
N THR B 201 6.62 41.71 6.07
CA THR B 201 6.29 41.98 7.46
C THR B 201 6.01 40.66 8.16
N ILE B 202 6.68 40.44 9.29
CA ILE B 202 6.49 39.22 10.07
C ILE B 202 6.00 39.61 11.45
N ASN B 203 4.81 39.11 11.83
CA ASN B 203 4.23 39.44 13.12
C ASN B 203 3.71 38.19 13.79
N LEU B 204 4.55 37.16 13.83
CA LEU B 204 4.19 35.96 14.55
C LEU B 204 3.90 36.25 16.01
N THR B 205 4.69 37.11 16.63
CA THR B 205 4.60 37.26 18.08
C THR B 205 3.37 38.03 18.51
N GLY B 206 2.86 38.91 17.64
CA GLY B 206 1.71 39.73 17.99
C GLY B 206 0.39 39.30 17.35
N ASP B 207 0.41 38.40 16.39
CA ASP B 207 -0.81 38.05 15.67
C ASP B 207 -1.76 37.27 16.57
N ASN B 208 -3.02 37.70 16.64
CA ASN B 208 -3.95 37.06 17.58
C ASN B 208 -4.28 35.63 17.17
N GLY B 209 -4.26 35.31 15.88
CA GLY B 209 -4.50 33.93 15.47
C GLY B 209 -3.36 33.02 15.87
N VAL B 210 -2.12 33.49 15.72
CA VAL B 210 -0.96 32.73 16.19
C VAL B 210 -1.06 32.52 17.69
N LYS B 211 -1.39 33.57 18.43
CA LYS B 211 -1.48 33.48 19.88
C LYS B 211 -2.58 32.51 20.30
N GLU B 212 -3.69 32.49 19.57
CA GLU B 212 -4.78 31.58 19.89
C GLU B 212 -4.31 30.13 19.74
N PHE B 213 -3.62 29.82 18.65
CA PHE B 213 -3.11 28.46 18.49
C PHE B 213 -2.08 28.13 19.55
N GLU B 214 -1.16 29.06 19.84
N GLU B 214 -1.16 29.05 19.85
CA GLU B 214 -0.16 28.81 20.88
CA GLU B 214 -0.17 28.78 20.87
C GLU B 214 -0.84 28.42 22.18
C GLU B 214 -0.83 28.42 22.19
N LYS B 215 -1.88 29.16 22.56
CA LYS B 215 -2.52 28.91 23.84
C LYS B 215 -3.14 27.51 23.88
N PHE B 216 -3.77 27.09 22.78
CA PHE B 216 -4.41 25.78 22.68
C PHE B 216 -3.38 24.67 22.72
N TRP B 217 -2.42 24.70 21.80
CA TRP B 217 -1.44 23.63 21.75
C TRP B 217 -0.56 23.62 22.99
N GLN B 218 -0.28 24.78 23.58
CA GLN B 218 0.50 24.79 24.81
C GLN B 218 -0.18 24.00 25.91
N LYS B 219 -1.51 24.13 26.02
CA LYS B 219 -2.22 23.38 27.05
C LYS B 219 -2.09 21.88 26.83
N LEU B 220 -2.26 21.41 25.60
CA LEU B 220 -2.11 19.97 25.34
C LEU B 220 -0.68 19.50 25.60
N LEU B 221 0.31 20.32 25.21
CA LEU B 221 1.70 19.96 25.49
C LEU B 221 1.97 19.94 26.99
N ASP B 222 1.49 20.94 27.71
CA ASP B 222 1.70 21.00 29.16
C ASP B 222 1.13 19.77 29.85
N GLU B 223 -0.04 19.31 29.38
CA GLU B 223 -0.72 18.17 29.99
C GLU B 223 -0.31 16.84 29.37
N LYS B 224 0.67 16.85 28.47
CA LYS B 224 1.24 15.62 27.91
C LYS B 224 0.19 14.82 27.17
N LEU B 225 -0.65 15.53 26.41
CA LEU B 225 -1.78 14.92 25.71
C LEU B 225 -1.49 14.66 24.23
N LEU B 226 -0.30 14.99 23.76
CA LEU B 226 0.11 14.76 22.39
C LEU B 226 1.30 13.82 22.35
N ASP B 227 1.35 12.98 21.31
CA ASP B 227 2.54 12.16 21.04
C ASP B 227 3.53 13.07 20.36
N THR B 228 4.57 13.48 21.11
CA THR B 228 5.60 14.35 20.58
C THR B 228 6.83 13.59 20.13
N LYS B 229 6.81 12.25 20.25
CA LYS B 229 7.90 11.40 19.86
C LYS B 229 7.81 10.99 18.40
N THR B 230 6.63 10.54 17.96
CA THR B 230 6.48 10.07 16.59
C THR B 230 6.60 11.22 15.60
N VAL B 231 7.44 11.04 14.59
CA VAL B 231 7.66 12.05 13.56
C VAL B 231 6.72 11.79 12.39
N GLY B 232 6.06 12.83 11.88
CA GLY B 232 5.20 12.66 10.74
C GLY B 232 5.95 12.03 9.58
N TRP B 233 5.29 11.12 8.87
CA TRP B 233 5.75 10.43 7.64
C TRP B 233 6.70 9.27 7.95
N SER B 234 7.03 9.04 9.22
CA SER B 234 7.81 7.89 9.62
C SER B 234 6.96 6.63 9.68
N GLU B 235 7.65 5.50 9.73
CA GLU B 235 6.97 4.21 9.84
C GLU B 235 6.05 4.16 11.06
N ASP B 236 6.51 4.68 12.20
CA ASP B 236 5.68 4.61 13.41
C ASP B 236 4.47 5.53 13.34
N TRP B 237 4.48 6.55 12.48
CA TRP B 237 3.32 7.41 12.32
C TRP B 237 2.18 6.59 11.76
N PHE B 238 2.48 5.83 10.70
CA PHE B 238 1.44 4.99 10.10
C PHE B 238 1.07 3.84 11.01
N LYS B 239 2.03 3.25 11.72
CA LYS B 239 1.69 2.20 12.67
C LYS B 239 0.73 2.73 13.71
N GLY B 240 0.93 3.96 14.16
CA GLY B 240 0.04 4.50 15.16
C GLY B 240 -1.37 4.70 14.66
N MET B 241 -1.52 5.04 13.37
CA MET B 241 -2.85 5.15 12.77
C MET B 241 -3.55 3.81 12.74
N GLN B 242 -2.78 2.73 12.57
N GLN B 242 -2.80 2.72 12.62
CA GLN B 242 -3.34 1.38 12.54
CA GLN B 242 -3.41 1.40 12.56
C GLN B 242 -3.74 0.91 13.93
C GLN B 242 -3.74 0.87 13.94
N ASP B 243 -2.86 1.07 14.91
CA ASP B 243 -3.03 0.49 16.23
C ASP B 243 -3.83 1.36 17.20
N GLY B 244 -4.19 2.57 16.82
CA GLY B 244 -5.00 3.42 17.66
C GLY B 244 -4.25 4.35 18.58
N THR B 245 -2.93 4.22 18.68
CA THR B 245 -2.16 5.09 19.56
C THR B 245 -1.98 6.48 18.99
N ILE B 246 -2.24 6.67 17.70
CA ILE B 246 -2.44 7.98 17.08
C ILE B 246 -3.87 7.96 16.58
N ALA B 247 -4.77 8.54 17.36
CA ALA B 247 -6.20 8.26 17.20
C ALA B 247 -6.86 9.14 16.16
N SER B 248 -6.22 10.20 15.72
CA SER B 248 -6.80 11.13 14.77
C SER B 248 -5.70 11.96 14.14
N LEU B 249 -6.06 12.68 13.09
CA LEU B 249 -5.17 13.56 12.36
C LEU B 249 -5.91 14.82 11.99
N LEU B 250 -5.34 15.98 12.34
CA LEU B 250 -5.81 17.28 11.85
C LEU B 250 -4.88 17.59 10.69
N THR B 251 -5.33 17.36 9.46
CA THR B 251 -4.39 17.31 8.34
C THR B 251 -5.11 17.62 7.03
N GLY B 252 -4.32 17.71 5.96
CA GLY B 252 -4.86 18.03 4.65
C GLY B 252 -5.72 16.93 4.05
N ALA B 253 -6.57 17.36 3.10
CA ALA B 253 -7.55 16.50 2.48
C ALA B 253 -6.94 15.38 1.64
N TRP B 254 -5.64 15.42 1.37
CA TRP B 254 -4.92 14.35 0.68
C TRP B 254 -4.71 13.13 1.55
N MET B 255 -5.06 13.18 2.83
CA MET B 255 -4.75 12.07 3.72
C MET B 255 -5.37 10.74 3.32
N PRO B 256 -6.57 10.66 2.75
CA PRO B 256 -7.12 9.33 2.39
C PRO B 256 -6.19 8.49 1.52
N GLY B 257 -5.48 9.10 0.58
CA GLY B 257 -4.57 8.34 -0.27
C GLY B 257 -3.43 7.70 0.51
N ASN B 258 -3.07 8.29 1.64
CA ASN B 258 -2.02 7.75 2.50
C ASN B 258 -2.57 6.72 3.48
N LEU B 259 -3.75 6.97 4.04
CA LEU B 259 -4.38 6.00 4.93
C LEU B 259 -4.62 4.67 4.22
N VAL B 260 -5.12 4.71 2.98
CA VAL B 260 -5.56 3.47 2.34
C VAL B 260 -4.40 2.51 2.15
N ASN B 261 -3.22 3.03 1.82
CA ASN B 261 -2.11 2.14 1.54
C ASN B 261 -1.18 1.93 2.71
N SER B 262 -1.01 2.93 3.57
CA SER B 262 -0.03 2.86 4.64
C SER B 262 -0.68 2.50 5.97
N ALA B 263 -2.01 2.58 6.09
CA ALA B 263 -2.73 2.07 7.26
C ALA B 263 -3.89 1.18 6.82
N PRO B 264 -3.62 0.16 6.00
CA PRO B 264 -4.72 -0.55 5.36
C PRO B 264 -5.59 -1.34 6.32
N ALA B 265 -5.05 -1.79 7.43
CA ALA B 265 -5.82 -2.62 8.35
C ALA B 265 -6.85 -1.82 9.11
N ALA B 266 -6.74 -0.50 9.15
CA ALA B 266 -7.74 0.32 9.82
C ALA B 266 -8.86 0.74 8.89
N ALA B 267 -8.90 0.22 7.67
CA ALA B 267 -10.03 0.50 6.81
C ALA B 267 -11.32 0.15 7.53
N GLY B 268 -12.29 1.05 7.42
CA GLY B 268 -13.58 0.93 8.07
C GLY B 268 -13.66 1.55 9.44
N LYS B 269 -12.51 1.82 10.08
CA LYS B 269 -12.50 2.36 11.43
C LYS B 269 -12.51 3.88 11.46
N TRP B 270 -12.09 4.53 10.38
CA TRP B 270 -11.90 5.97 10.36
C TRP B 270 -13.12 6.68 9.78
N ARG B 271 -13.25 7.95 10.16
CA ARG B 271 -14.27 8.85 9.64
C ARG B 271 -13.62 10.21 9.45
N VAL B 272 -14.35 11.06 8.73
N VAL B 272 -14.31 11.08 8.73
CA VAL B 272 -13.89 12.41 8.43
CA VAL B 272 -13.80 12.42 8.49
C VAL B 272 -14.93 13.40 8.96
C VAL B 272 -14.86 13.44 8.87
N ALA B 273 -14.45 14.46 9.61
CA ALA B 273 -15.30 15.56 10.03
C ALA B 273 -14.60 16.88 9.70
N LEU B 274 -15.35 17.96 9.77
CA LEU B 274 -14.73 19.26 9.57
C LEU B 274 -13.77 19.56 10.72
N MET B 275 -12.78 20.40 10.43
CA MET B 275 -11.83 20.80 11.46
C MET B 275 -12.53 21.48 12.63
N PRO B 276 -12.17 21.13 13.86
CA PRO B 276 -12.55 21.97 15.00
C PRO B 276 -11.87 23.32 14.89
N THR B 277 -12.59 24.36 15.34
CA THR B 277 -12.12 25.73 15.27
C THR B 277 -12.21 26.35 16.65
N PRO B 278 -11.53 27.47 16.88
CA PRO B 278 -11.47 28.01 18.25
C PRO B 278 -12.82 28.20 18.91
N ASN B 279 -13.83 28.72 18.19
N ASN B 279 -13.80 28.69 18.17
CA ASN B 279 -15.16 28.90 18.75
CA ASN B 279 -15.13 28.96 18.70
C ASN B 279 -16.24 28.10 18.03
C ASN B 279 -16.21 28.26 17.89
N GLY B 280 -15.86 27.17 17.17
CA GLY B 280 -16.84 26.47 16.38
C GLY B 280 -17.28 27.25 15.16
N GLU B 281 -16.63 28.35 14.85
CA GLU B 281 -16.96 29.14 13.68
C GLU B 281 -16.65 28.36 12.40
N LYS B 282 -17.21 28.85 11.31
CA LYS B 282 -16.85 28.36 9.98
C LYS B 282 -15.48 28.94 9.66
N ALA B 283 -14.48 28.06 9.54
CA ALA B 283 -13.11 28.47 9.30
C ALA B 283 -12.31 27.25 8.93
N ASN B 284 -11.39 27.42 8.00
CA ASN B 284 -10.47 26.33 7.68
C ASN B 284 -9.20 26.91 7.10
N ALA B 285 -8.18 26.06 7.01
CA ALA B 285 -6.90 26.38 6.41
C ALA B 285 -6.56 25.27 5.44
N GLU B 286 -5.50 25.48 4.66
N GLU B 286 -5.48 25.46 4.70
CA GLU B 286 -4.89 24.40 3.91
CA GLU B 286 -4.89 24.39 3.93
C GLU B 286 -3.65 23.92 4.64
C GLU B 286 -3.60 23.93 4.58
N ASN B 287 -3.35 22.63 4.51
CA ASN B 287 -2.15 22.01 5.03
C ASN B 287 -1.56 21.26 3.85
N GLY B 288 -0.39 21.71 3.40
CA GLY B 288 0.19 21.18 2.19
C GLY B 288 -0.70 21.48 0.99
N GLY B 289 -0.58 20.62 -0.02
CA GLY B 289 -1.08 20.90 -1.36
C GLY B 289 0.08 21.10 -2.29
N SER B 290 0.12 20.38 -3.41
CA SER B 290 1.32 20.27 -4.22
C SER B 290 1.10 20.55 -5.69
N SER B 291 2.22 20.83 -6.35
CA SER B 291 2.33 20.98 -7.77
C SER B 291 3.49 20.11 -8.24
N LEU B 292 3.59 19.95 -9.55
CA LEU B 292 4.77 19.39 -10.17
C LEU B 292 5.40 20.46 -11.04
N ALA B 293 6.72 20.64 -10.90
CA ALA B 293 7.47 21.63 -11.65
C ALA B 293 8.59 20.97 -12.45
N VAL B 294 8.92 21.59 -13.58
CA VAL B 294 10.10 21.22 -14.35
C VAL B 294 11.28 22.03 -13.83
N LEU B 295 12.37 21.36 -13.48
N LEU B 295 12.35 21.34 -13.47
CA LEU B 295 13.55 22.06 -13.02
CA LEU B 295 13.56 22.04 -13.06
C LEU B 295 14.23 22.74 -14.20
C LEU B 295 14.15 22.78 -14.26
N LYS B 296 14.59 24.01 -14.02
CA LYS B 296 15.19 24.78 -15.10
C LYS B 296 16.44 24.09 -15.65
N SER B 297 17.12 23.30 -14.81
CA SER B 297 18.31 22.56 -15.23
C SER B 297 18.01 21.41 -16.18
N SER B 298 16.76 21.04 -16.37
CA SER B 298 16.48 19.81 -17.11
C SER B 298 16.83 19.97 -18.58
N PRO B 299 17.56 19.02 -19.16
CA PRO B 299 17.73 18.98 -20.63
C PRO B 299 16.60 18.26 -21.35
N LYS B 300 15.52 17.94 -20.65
CA LYS B 300 14.37 17.23 -21.17
C LYS B 300 13.09 17.98 -20.86
N ALA B 301 13.10 19.28 -21.11
CA ALA B 301 12.01 20.15 -20.63
C ALA B 301 10.66 19.73 -21.20
N GLN B 302 10.58 19.45 -22.51
CA GLN B 302 9.28 19.13 -23.08
C GLN B 302 8.78 17.77 -22.60
N ALA B 303 9.67 16.78 -22.55
CA ALA B 303 9.30 15.47 -22.04
C ALA B 303 8.87 15.56 -20.58
N ALA B 304 9.58 16.36 -19.80
CA ALA B 304 9.22 16.58 -18.40
C ALA B 304 7.84 17.22 -18.31
N TYR B 305 7.59 18.25 -19.13
CA TYR B 305 6.28 18.89 -19.13
C TYR B 305 5.18 17.91 -19.54
N ASP B 306 5.43 17.10 -20.56
CA ASP B 306 4.40 16.19 -21.05
C ASP B 306 3.95 15.24 -19.94
N PHE B 307 4.88 14.80 -19.09
CA PHE B 307 4.52 13.98 -17.94
C PHE B 307 3.66 14.75 -16.95
N ILE B 308 4.09 15.97 -16.59
N ILE B 308 4.07 15.97 -16.59
CA ILE B 308 3.34 16.79 -15.66
CA ILE B 308 3.29 16.72 -15.61
C ILE B 308 1.93 17.03 -16.17
C ILE B 308 1.92 17.09 -16.16
N GLU B 309 1.81 17.32 -17.47
CA GLU B 309 0.51 17.59 -18.07
C GLU B 309 -0.42 16.39 -17.92
N TYR B 310 0.10 15.19 -18.12
CA TYR B 310 -0.71 13.99 -17.95
C TYR B 310 -1.22 13.88 -16.53
N VAL B 311 -0.32 14.08 -15.56
CA VAL B 311 -0.67 13.93 -14.15
C VAL B 311 -1.68 14.99 -13.74
N ALA B 312 -1.42 16.25 -14.10
CA ALA B 312 -2.10 17.40 -13.52
C ALA B 312 -3.26 17.92 -14.34
N HIS B 313 -3.32 17.56 -15.62
CA HIS B 313 -4.27 18.17 -16.53
C HIS B 313 -5.02 17.13 -17.36
N GLY B 314 -4.37 16.01 -17.66
CA GLY B 314 -4.92 14.93 -18.45
C GLY B 314 -5.56 13.84 -17.62
N ASP B 315 -5.50 12.61 -18.15
CA ASP B 315 -6.22 11.51 -17.53
C ASP B 315 -5.66 11.11 -16.17
N GLY B 316 -4.46 11.56 -15.80
CA GLY B 316 -3.99 11.34 -14.45
C GLY B 316 -4.84 12.02 -13.38
N VAL B 317 -5.59 13.07 -13.74
CA VAL B 317 -6.36 13.79 -12.74
C VAL B 317 -7.39 12.87 -12.08
N LYS B 318 -8.22 12.21 -12.89
N LYS B 318 -8.22 12.21 -12.89
CA LYS B 318 -9.24 11.32 -12.34
CA LYS B 318 -9.23 11.34 -12.34
C LYS B 318 -8.59 10.21 -11.53
C LYS B 318 -8.59 10.22 -11.53
N THR B 319 -7.51 9.63 -12.04
CA THR B 319 -6.82 8.59 -11.30
C THR B 319 -6.35 9.11 -9.95
N HIS B 320 -5.82 10.32 -9.93
CA HIS B 320 -5.29 10.89 -8.71
C HIS B 320 -6.39 11.07 -7.67
N VAL B 321 -7.55 11.57 -8.09
CA VAL B 321 -8.67 11.74 -7.16
C VAL B 321 -9.19 10.38 -6.70
N GLU B 322 -9.31 9.42 -7.62
CA GLU B 322 -9.84 8.11 -7.27
C GLU B 322 -8.93 7.40 -6.26
N THR B 323 -7.63 7.68 -6.31
CA THR B 323 -6.70 7.07 -5.38
C THR B 323 -6.49 7.90 -4.12
N GLY B 324 -7.33 8.90 -3.88
CA GLY B 324 -7.39 9.54 -2.56
C GLY B 324 -6.89 10.96 -2.47
N ALA B 325 -6.45 11.57 -3.56
CA ALA B 325 -6.04 12.95 -3.50
C ALA B 325 -7.27 13.84 -3.68
N PHE B 326 -7.24 14.96 -3.03
CA PHE B 326 -8.27 15.96 -3.20
C PHE B 326 -7.93 16.83 -4.42
N PRO B 327 -8.88 17.13 -5.28
CA PRO B 327 -8.56 17.75 -6.57
C PRO B 327 -8.13 19.20 -6.47
N ALA B 328 -7.40 19.62 -7.49
CA ALA B 328 -7.08 21.02 -7.71
C ALA B 328 -7.82 21.62 -8.88
N ASP B 329 -8.70 20.86 -9.53
CA ASP B 329 -9.34 21.30 -10.77
C ASP B 329 -10.85 21.43 -10.56
N LYS B 330 -11.45 22.27 -11.42
CA LYS B 330 -12.87 22.58 -11.33
C LYS B 330 -13.73 21.36 -11.65
N ALA B 331 -13.39 20.63 -12.70
CA ALA B 331 -14.27 19.56 -13.16
C ALA B 331 -14.41 18.47 -12.11
N SER B 332 -13.32 18.13 -11.43
CA SER B 332 -13.39 17.06 -10.43
C SER B 332 -14.42 17.36 -9.36
N LEU B 333 -14.55 18.63 -8.95
CA LEU B 333 -15.49 18.95 -7.88
C LEU B 333 -16.93 18.65 -8.29
N GLU B 334 -17.22 18.67 -9.59
CA GLU B 334 -18.57 18.39 -10.09
C GLU B 334 -18.74 16.95 -10.56
N ALA B 335 -17.70 16.13 -10.50
CA ALA B 335 -17.75 14.79 -11.04
C ALA B 335 -18.23 13.80 -9.99
N ASP B 336 -19.00 12.81 -10.44
CA ASP B 336 -19.51 11.79 -9.52
C ASP B 336 -18.39 10.96 -8.90
N TYR B 337 -17.28 10.75 -9.64
CA TYR B 337 -16.15 10.00 -9.08
C TYR B 337 -15.60 10.67 -7.84
N PHE B 338 -15.83 11.98 -7.71
CA PHE B 338 -15.45 12.70 -6.52
C PHE B 338 -16.63 12.81 -5.57
N LYS B 339 -17.72 13.46 -6.01
CA LYS B 339 -18.81 13.83 -5.10
C LYS B 339 -19.42 12.62 -4.40
N ASN B 340 -19.56 11.51 -5.11
CA ASN B 340 -20.31 10.36 -4.63
C ASN B 340 -19.42 9.24 -4.13
N ALA B 341 -18.14 9.51 -3.93
CA ALA B 341 -17.22 8.46 -3.53
C ALA B 341 -17.47 8.02 -2.09
N THR B 342 -17.45 6.70 -1.88
CA THR B 342 -17.36 6.10 -0.55
C THR B 342 -16.17 5.17 -0.43
N THR B 343 -15.38 5.07 -1.48
CA THR B 343 -14.22 4.18 -1.49
C THR B 343 -13.03 4.95 -2.02
N ILE B 344 -11.84 4.42 -1.69
CA ILE B 344 -10.57 4.92 -2.18
C ILE B 344 -9.88 3.76 -2.87
N LYS B 345 -9.35 4.01 -4.06
CA LYS B 345 -8.66 2.98 -4.81
C LYS B 345 -7.24 2.88 -4.28
N ASN B 346 -6.86 1.69 -3.80
CA ASN B 346 -5.55 1.48 -3.20
C ASN B 346 -4.52 1.16 -4.29
N SER B 347 -3.28 0.96 -3.87
CA SER B 347 -2.20 0.79 -4.83
C SER B 347 -2.28 -0.53 -5.58
N ASP B 348 -3.09 -1.47 -5.13
CA ASP B 348 -3.37 -2.69 -5.86
C ASP B 348 -4.62 -2.59 -6.72
N GLY B 349 -5.27 -1.42 -6.75
CA GLY B 349 -6.44 -1.19 -7.56
C GLY B 349 -7.76 -1.58 -6.93
N LYS B 350 -7.75 -1.97 -5.67
CA LYS B 350 -8.98 -2.35 -4.98
C LYS B 350 -9.65 -1.10 -4.43
N GLU B 351 -10.98 -1.05 -4.56
CA GLU B 351 -11.78 0.04 -4.04
C GLU B 351 -12.12 -0.27 -2.58
N ILE B 352 -11.50 0.46 -1.67
CA ILE B 352 -11.60 0.19 -0.23
C ILE B 352 -12.56 1.20 0.39
N ASP B 353 -13.59 0.69 1.09
N ASP B 353 -13.52 0.68 1.16
CA ASP B 353 -14.49 1.55 1.84
CA ASP B 353 -14.51 1.49 1.90
C ASP B 353 -13.79 1.89 3.15
C ASP B 353 -13.88 1.97 3.21
N TYR B 354 -12.92 2.88 3.08
CA TYR B 354 -12.03 3.17 4.20
C TYR B 354 -12.76 3.88 5.32
N PHE B 355 -13.75 4.71 5.01
CA PHE B 355 -14.47 5.48 6.00
C PHE B 355 -15.83 4.88 6.33
N GLY B 356 -15.97 3.57 6.19
CA GLY B 356 -17.15 2.87 6.67
C GLY B 356 -18.43 3.28 5.99
N GLY B 357 -18.37 3.61 4.70
CA GLY B 357 -19.55 4.01 3.97
C GLY B 357 -19.76 5.51 3.88
N GLN B 358 -18.96 6.29 4.60
CA GLN B 358 -19.12 7.73 4.58
C GLN B 358 -18.84 8.27 3.18
N LYS B 359 -19.68 9.20 2.74
N LYS B 359 -19.68 9.20 2.74
CA LYS B 359 -19.49 9.94 1.51
CA LYS B 359 -19.48 9.97 1.52
C LYS B 359 -18.47 11.05 1.84
C LYS B 359 -18.47 11.05 1.87
N TYR B 360 -17.21 10.64 1.89
CA TYR B 360 -16.19 11.46 2.55
C TYR B 360 -15.90 12.75 1.80
N ASN B 361 -16.15 12.82 0.49
CA ASN B 361 -15.91 14.04 -0.25
C ASN B 361 -17.00 15.07 -0.07
N GLU B 362 -18.13 14.70 0.53
CA GLU B 362 -19.07 15.73 0.96
C GLU B 362 -18.43 16.60 2.03
N VAL B 363 -17.79 15.97 3.01
CA VAL B 363 -17.07 16.69 4.04
C VAL B 363 -15.89 17.44 3.44
N LEU B 364 -15.07 16.77 2.62
CA LEU B 364 -13.88 17.43 2.11
C LEU B 364 -14.23 18.60 1.20
N ALA B 365 -15.29 18.50 0.40
CA ALA B 365 -15.68 19.64 -0.42
C ALA B 365 -16.11 20.82 0.45
N GLN B 366 -16.84 20.55 1.53
CA GLN B 366 -17.20 21.63 2.45
C GLN B 366 -15.96 22.22 3.11
N ALA B 367 -15.01 21.37 3.50
CA ALA B 367 -13.74 21.83 4.05
C ALA B 367 -13.07 22.81 3.12
N SER B 368 -13.06 22.50 1.82
CA SER B 368 -12.43 23.38 0.87
C SER B 368 -13.16 24.72 0.79
N ALA B 369 -14.50 24.69 0.78
CA ALA B 369 -15.28 25.92 0.72
C ALA B 369 -15.04 26.81 1.93
N ASP B 370 -14.69 26.22 3.05
CA ASP B 370 -14.53 26.95 4.30
C ASP B 370 -13.15 27.59 4.44
N VAL B 371 -12.18 27.26 3.58
CA VAL B 371 -10.85 27.82 3.72
C VAL B 371 -10.90 29.34 3.73
N LEU B 372 -10.23 29.93 4.71
CA LEU B 372 -10.21 31.37 4.86
C LEU B 372 -9.23 32.00 3.88
N THR B 373 -9.61 33.15 3.35
N THR B 373 -9.60 33.13 3.31
CA THR B 373 -8.74 34.00 2.54
CA THR B 373 -8.64 33.91 2.56
C THR B 373 -8.01 35.00 3.44
C THR B 373 -7.95 34.90 3.48
N GLY B 374 -6.83 35.43 3.00
CA GLY B 374 -6.04 36.43 3.70
C GLY B 374 -4.70 35.92 4.17
N TYR B 375 -4.57 34.63 4.42
CA TYR B 375 -3.27 34.09 4.81
C TYR B 375 -2.29 34.15 3.65
N GLN B 376 -1.05 34.53 3.93
CA GLN B 376 -0.02 34.56 2.90
C GLN B 376 1.18 33.73 3.34
N PHE B 377 1.83 33.14 2.34
CA PHE B 377 3.11 32.48 2.54
C PHE B 377 4.22 33.52 2.49
N LEU B 378 5.32 33.24 3.17
CA LEU B 378 6.50 34.03 3.00
C LEU B 378 7.11 33.75 1.62
N PRO B 379 7.97 34.64 1.12
CA PRO B 379 8.74 34.34 -0.09
C PRO B 379 9.82 33.30 0.14
N PHE B 380 10.02 32.88 1.39
CA PHE B 380 11.13 32.00 1.74
C PHE B 380 10.65 30.93 2.71
N GLU B 381 9.58 30.22 2.35
CA GLU B 381 9.02 29.22 3.26
C GLU B 381 9.88 27.97 3.36
N VAL B 382 10.67 27.64 2.34
CA VAL B 382 11.56 26.48 2.50
C VAL B 382 12.54 26.74 3.63
N LYS B 383 13.11 27.95 3.65
CA LYS B 383 13.95 28.36 4.76
C LYS B 383 13.16 28.38 6.07
N ALA B 384 12.02 29.07 6.07
CA ALA B 384 11.31 29.31 7.32
C ALA B 384 10.85 28.00 7.96
N ARG B 385 10.25 27.12 7.17
CA ARG B 385 9.77 25.87 7.72
C ARG B 385 10.90 24.90 8.00
N GLY B 386 12.00 25.03 7.26
CA GLY B 386 13.15 24.20 7.53
C GLY B 386 13.76 24.47 8.89
N VAL B 387 13.78 25.73 9.31
CA VAL B 387 14.40 26.09 10.59
C VAL B 387 13.41 26.13 11.75
N PHE B 388 12.12 25.97 11.49
CA PHE B 388 11.13 26.02 12.57
C PHE B 388 11.54 25.14 13.74
N GLY B 389 11.95 23.90 13.45
CA GLY B 389 12.31 22.97 14.49
C GLY B 389 13.53 23.38 15.27
N ASP B 390 14.41 24.18 14.66
CA ASP B 390 15.59 24.66 15.39
C ASP B 390 15.16 25.55 16.56
N TYR B 391 14.10 26.31 16.39
CA TYR B 391 13.64 27.28 17.39
C TYR B 391 12.51 26.75 18.24
N LEU B 392 11.72 25.83 17.69
CA LEU B 392 10.51 25.38 18.34
C LEU B 392 10.57 23.93 18.79
N GLY B 393 11.54 23.15 18.29
CA GLY B 393 11.53 21.73 18.59
C GLY B 393 11.50 21.46 20.08
N LYS B 394 12.24 22.26 20.85
N LYS B 394 12.24 22.25 20.86
CA LYS B 394 12.31 22.10 22.31
CA LYS B 394 12.29 22.07 22.31
C LYS B 394 10.99 22.44 23.01
C LYS B 394 10.97 22.40 23.00
N SER B 395 10.04 23.05 22.32
CA SER B 395 8.71 23.23 22.88
C SER B 395 7.88 21.96 22.79
N TYR B 396 8.22 21.06 21.88
CA TYR B 396 7.49 19.82 21.70
C TYR B 396 8.18 18.66 22.41
N THR B 397 9.50 18.53 22.22
CA THR B 397 10.26 17.45 22.83
C THR B 397 10.92 17.85 24.15
N GLY B 398 10.87 19.13 24.51
CA GLY B 398 11.36 19.64 25.78
C GLY B 398 10.28 20.45 26.49
N ASN B 399 10.73 21.53 27.12
N ASN B 399 10.73 21.52 27.16
CA ASN B 399 9.92 22.31 28.05
CA ASN B 399 9.87 22.34 28.00
C ASN B 399 9.81 23.79 27.68
C ASN B 399 10.05 23.82 27.73
N GLN B 400 10.30 24.19 26.51
CA GLN B 400 10.30 25.60 26.16
C GLN B 400 8.87 26.05 25.86
N PRO B 401 8.39 27.17 26.43
CA PRO B 401 7.08 27.68 26.00
C PRO B 401 7.08 27.94 24.49
N LEU B 402 5.97 27.58 23.85
CA LEU B 402 5.82 27.88 22.44
C LEU B 402 6.08 29.37 22.15
N SER B 403 5.56 30.26 23.00
CA SER B 403 5.69 31.69 22.72
C SER B 403 7.16 32.10 22.63
N GLU B 404 8.00 31.50 23.48
N GLU B 404 8.00 31.52 23.48
CA GLU B 404 9.42 31.80 23.48
CA GLU B 404 9.43 31.83 23.45
C GLU B 404 10.07 31.30 22.19
C GLU B 404 10.06 31.32 22.17
N GLY B 405 9.75 30.09 21.78
CA GLY B 405 10.28 29.58 20.52
C GLY B 405 9.82 30.39 19.33
N VAL B 406 8.55 30.80 19.33
CA VAL B 406 8.03 31.58 18.20
C VAL B 406 8.76 32.91 18.10
N ALA B 407 9.04 33.57 19.22
CA ALA B 407 9.77 34.82 19.20
C ALA B 407 11.17 34.63 18.60
N ALA B 408 11.82 33.53 18.94
CA ALA B 408 13.16 33.26 18.42
C ALA B 408 13.12 32.95 16.93
N TRP B 409 12.10 32.21 16.51
CA TRP B 409 11.90 31.93 15.10
C TRP B 409 11.68 33.22 14.33
N GLN B 410 10.81 34.10 14.85
CA GLN B 410 10.59 35.39 14.19
C GLN B 410 11.89 36.17 14.05
N LYS B 411 12.70 36.23 15.12
CA LYS B 411 13.95 36.99 15.06
C LYS B 411 14.86 36.42 13.99
N ALA B 412 14.95 35.09 13.91
CA ALA B 412 15.77 34.45 12.89
C ALA B 412 15.26 34.78 11.49
N LEU B 413 13.94 34.79 11.30
CA LEU B 413 13.40 35.06 9.98
C LEU B 413 13.63 36.50 9.55
N ILE B 414 13.56 37.44 10.50
CA ILE B 414 13.89 38.84 10.21
C ILE B 414 15.35 38.95 9.78
N ASP B 415 16.25 38.30 10.52
CA ASP B 415 17.67 38.36 10.15
C ASP B 415 17.89 37.79 8.75
N TYR B 416 17.30 36.62 8.49
CA TYR B 416 17.47 35.98 7.19
C TYR B 416 16.94 36.87 6.07
N GLY B 417 15.73 37.39 6.24
CA GLY B 417 15.17 38.24 5.19
C GLY B 417 16.05 39.44 4.91
N LYS B 418 16.59 40.07 5.96
CA LYS B 418 17.46 41.21 5.76
C LYS B 418 18.69 40.80 4.97
N GLU B 419 19.28 39.66 5.33
CA GLU B 419 20.50 39.20 4.67
C GLU B 419 20.25 38.86 3.21
N GLN B 420 19.04 38.47 2.86
CA GLN B 420 18.72 38.12 1.48
C GLN B 420 18.21 39.31 0.68
N GLY B 421 18.20 40.50 1.27
CA GLY B 421 17.89 41.71 0.52
C GLY B 421 16.47 42.21 0.67
N PHE B 422 15.64 41.57 1.49
CA PHE B 422 14.30 42.05 1.71
C PHE B 422 14.31 43.19 2.72
N THR B 423 13.33 44.07 2.59
CA THR B 423 13.03 45.08 3.60
C THR B 423 12.10 44.44 4.62
N MET B 424 12.62 44.12 5.79
CA MET B 424 11.87 43.36 6.78
C MET B 424 11.24 44.29 7.80
N LYS B 425 10.00 44.02 8.15
CA LYS B 425 9.26 44.81 9.11
C LYS B 425 8.63 43.89 10.14
N GLU B 426 8.42 44.43 11.33
CA GLU B 426 7.79 43.71 12.41
C GLU B 426 7.22 44.68 13.43
#